data_3QF3
#
_entry.id   3QF3
#
_cell.length_a   52.209
_cell.length_b   81.702
_cell.length_c   124.798
_cell.angle_alpha   90.00
_cell.angle_beta   95.80
_cell.angle_gamma   90.00
#
_symmetry.space_group_name_H-M   'P 1 21 1'
#
loop_
_entity.id
_entity.type
_entity.pdbx_description
1 polymer 'ESX-1 secretion-associated regulator EspR'
2 non-polymer '(2S)-2-hydroxybutanedioic acid'
3 non-polymer D-MALATE
4 water water
#
_entity_poly.entity_id   1
_entity_poly.type   'polypeptide(L)'
_entity_poly.pdbx_seq_one_letter_code
;GSSTTFAARLNRLFDTVYPPGRGPHTSAEVIAALKAEGITMSAPYLSQLRSGNRTNPSGATMAALANFFRIKAAYFTDDE
YYEKLDKELQWLCTMRDDGVRRIAQRAHGLPSAAQQKVLDRIDELRRAEGIDA
;
_entity_poly.pdbx_strand_id   A,D,B,C,E,F
#
loop_
_chem_comp.id
_chem_comp.type
_chem_comp.name
_chem_comp.formula
LMR non-polymer '(2S)-2-hydroxybutanedioic acid' 'C4 H6 O5'
MLT non-polymer D-MALATE 'C4 H6 O5'
#
# COMPACT_ATOMS: atom_id res chain seq x y z
N SER A 3 33.18 -40.83 -17.39
CA SER A 3 34.30 -41.42 -16.65
C SER A 3 34.20 -41.11 -15.14
N THR A 4 33.71 -39.92 -14.83
CA THR A 4 33.61 -39.46 -13.45
C THR A 4 32.73 -40.38 -12.62
N THR A 5 33.14 -40.69 -11.39
CA THR A 5 32.38 -41.59 -10.52
C THR A 5 31.03 -40.98 -10.14
N PHE A 6 30.26 -41.74 -9.39
CA PHE A 6 28.97 -41.25 -8.96
C PHE A 6 29.10 -40.27 -7.80
N ALA A 7 30.09 -40.49 -6.94
CA ALA A 7 30.33 -39.58 -5.82
C ALA A 7 30.76 -38.20 -6.31
N ALA A 8 31.61 -38.17 -7.33
CA ALA A 8 32.05 -36.90 -7.90
C ALA A 8 30.89 -36.13 -8.55
N ARG A 9 30.03 -36.82 -9.29
CA ARG A 9 28.91 -36.15 -9.93
C ARG A 9 27.89 -35.63 -8.91
N LEU A 10 27.69 -36.37 -7.82
CA LEU A 10 26.75 -35.96 -6.77
C LEU A 10 27.30 -34.77 -6.00
N ASN A 11 28.54 -34.90 -5.54
CA ASN A 11 29.23 -33.82 -4.85
C ASN A 11 29.34 -32.53 -5.67
N ARG A 12 29.47 -32.66 -6.99
CA ARG A 12 29.50 -31.49 -7.87
C ARG A 12 28.15 -30.76 -7.76
N LEU A 13 27.06 -31.52 -7.76
CA LEU A 13 25.73 -30.95 -7.64
C LEU A 13 25.57 -30.20 -6.32
N PHE A 14 25.95 -30.82 -5.21
CA PHE A 14 25.95 -30.10 -3.93
C PHE A 14 26.80 -28.83 -4.03
N ASP A 15 27.96 -28.93 -4.68
CA ASP A 15 28.90 -27.83 -4.64
C ASP A 15 28.48 -26.65 -5.50
N THR A 16 27.71 -26.91 -6.55
CA THR A 16 27.43 -25.87 -7.53
C THR A 16 25.95 -25.48 -7.66
N VAL A 17 25.05 -26.32 -7.17
CA VAL A 17 23.63 -26.07 -7.38
C VAL A 17 22.89 -25.83 -6.08
N TYR A 18 22.55 -24.56 -5.85
CA TYR A 18 21.90 -24.13 -4.64
C TYR A 18 21.21 -22.80 -4.95
N PRO A 19 20.37 -22.33 -4.02
CA PRO A 19 19.51 -21.19 -4.32
C PRO A 19 20.24 -19.84 -4.24
N PRO A 20 19.64 -18.79 -4.81
CA PRO A 20 20.22 -17.45 -4.65
C PRO A 20 20.19 -16.96 -3.20
N GLY A 21 21.20 -16.19 -2.82
CA GLY A 21 21.22 -15.57 -1.51
C GLY A 21 21.54 -16.52 -0.39
N ARG A 22 22.19 -17.61 -0.71
CA ARG A 22 22.63 -18.56 0.31
C ARG A 22 23.73 -19.45 -0.25
N GLY A 23 24.20 -20.39 0.55
CA GLY A 23 25.24 -21.28 0.09
C GLY A 23 24.67 -22.62 -0.34
N PRO A 24 25.57 -23.58 -0.62
CA PRO A 24 25.26 -24.97 -0.97
C PRO A 24 24.26 -25.61 -0.05
N HIS A 25 23.37 -26.43 -0.59
CA HIS A 25 22.52 -27.29 0.24
C HIS A 25 23.36 -28.30 1.02
N THR A 26 22.86 -28.73 2.17
CA THR A 26 23.50 -29.77 2.96
C THR A 26 22.82 -31.11 2.70
N SER A 27 23.49 -32.21 3.06
CA SER A 27 22.91 -33.53 2.90
C SER A 27 21.57 -33.65 3.62
N ALA A 28 21.49 -33.04 4.80
CA ALA A 28 20.29 -33.13 5.61
C ALA A 28 19.12 -32.43 4.91
N GLU A 29 19.42 -31.29 4.30
CA GLU A 29 18.41 -30.54 3.55
C GLU A 29 17.76 -31.44 2.50
N VAL A 30 18.60 -32.17 1.77
CA VAL A 30 18.14 -33.18 0.81
C VAL A 30 17.30 -34.30 1.43
N ILE A 31 17.74 -34.83 2.57
CA ILE A 31 16.99 -35.83 3.30
C ILE A 31 15.62 -35.24 3.64
N ALA A 32 15.65 -34.09 4.30
CA ALA A 32 14.44 -33.34 4.63
C ALA A 32 13.48 -33.23 3.44
N ALA A 33 13.97 -32.68 2.33
CA ALA A 33 13.14 -32.43 1.16
C ALA A 33 12.48 -33.69 0.60
N LEU A 34 13.25 -34.77 0.45
CA LEU A 34 12.69 -36.02 -0.06
C LEU A 34 11.60 -36.50 0.87
N LYS A 35 11.83 -36.33 2.17
CA LYS A 35 10.82 -36.68 3.17
C LYS A 35 9.49 -35.94 2.93
N ALA A 36 9.58 -34.64 2.63
CA ALA A 36 8.38 -33.83 2.33
C ALA A 36 7.65 -34.31 1.07
N GLU A 37 8.37 -35.00 0.20
CA GLU A 37 7.80 -35.46 -1.06
C GLU A 37 7.27 -36.87 -0.91
N GLY A 38 7.53 -37.46 0.25
CA GLY A 38 7.14 -38.83 0.51
C GLY A 38 8.18 -39.83 0.02
N ILE A 39 9.40 -39.36 -0.17
CA ILE A 39 10.49 -40.25 -0.54
C ILE A 39 11.41 -40.43 0.65
N THR A 40 11.66 -41.67 1.00
CA THR A 40 12.46 -41.99 2.16
C THR A 40 13.88 -42.25 1.71
N MET A 41 14.84 -41.65 2.40
CA MET A 41 16.23 -41.95 2.16
C MET A 41 17.04 -41.86 3.44
N SER A 42 17.97 -42.78 3.61
CA SER A 42 18.80 -42.84 4.80
C SER A 42 19.87 -41.76 4.84
N ALA A 43 19.96 -41.08 5.98
CA ALA A 43 20.95 -40.03 6.19
C ALA A 43 22.42 -40.51 6.16
N PRO A 44 22.71 -41.65 6.81
CA PRO A 44 24.07 -42.22 6.75
C PRO A 44 24.37 -42.85 5.41
N TYR A 45 23.36 -43.36 4.73
CA TYR A 45 23.52 -43.89 3.38
C TYR A 45 23.99 -42.79 2.45
N LEU A 46 23.26 -41.69 2.47
CA LEU A 46 23.60 -40.52 1.66
C LEU A 46 25.05 -40.08 1.90
N SER A 47 25.47 -40.07 3.17
CA SER A 47 26.85 -39.71 3.50
C SER A 47 27.88 -40.65 2.87
N GLN A 48 27.46 -41.87 2.54
CA GLN A 48 28.40 -42.85 2.02
C GLN A 48 28.44 -42.84 0.50
N LEU A 49 27.32 -42.50 -0.11
CA LEU A 49 27.33 -42.21 -1.54
C LEU A 49 28.23 -41.01 -1.80
N ARG A 50 28.24 -40.07 -0.86
CA ARG A 50 29.04 -38.86 -1.02
C ARG A 50 30.52 -39.14 -0.79
N SER A 51 30.81 -40.04 0.15
CA SER A 51 32.20 -40.39 0.45
C SER A 51 32.71 -41.54 -0.43
N GLY A 52 31.80 -42.18 -1.17
CA GLY A 52 32.18 -43.25 -2.06
C GLY A 52 32.30 -44.60 -1.36
N ASN A 53 32.01 -44.62 -0.06
CA ASN A 53 31.95 -45.87 0.69
C ASN A 53 30.98 -46.85 0.02
N ARG A 54 29.76 -46.36 -0.24
CA ARG A 54 28.81 -47.13 -1.02
C ARG A 54 28.73 -46.53 -2.43
N THR A 55 28.42 -47.37 -3.42
CA THR A 55 28.42 -46.93 -4.82
C THR A 55 27.31 -47.59 -5.62
N ASN A 56 27.33 -47.41 -6.95
CA ASN A 56 26.36 -48.07 -7.85
C ASN A 56 24.88 -47.88 -7.47
N PRO A 57 24.44 -46.63 -7.32
CA PRO A 57 23.14 -46.36 -6.70
C PRO A 57 22.00 -46.98 -7.50
N SER A 58 20.88 -47.28 -6.85
CA SER A 58 19.72 -47.79 -7.58
C SER A 58 19.20 -46.71 -8.51
N GLY A 59 18.44 -47.10 -9.52
CA GLY A 59 17.82 -46.14 -10.40
C GLY A 59 16.96 -45.15 -9.64
N ALA A 60 16.15 -45.65 -8.71
CA ALA A 60 15.21 -44.79 -7.97
C ALA A 60 15.94 -43.79 -7.07
N THR A 61 17.15 -44.14 -6.69
CA THR A 61 17.99 -43.29 -5.84
C THR A 61 18.52 -42.09 -6.62
N MET A 62 18.98 -42.36 -7.83
CA MET A 62 19.44 -41.34 -8.77
C MET A 62 18.34 -40.39 -9.21
N ALA A 63 17.12 -40.91 -9.31
CA ALA A 63 15.97 -40.10 -9.70
C ALA A 63 15.61 -39.10 -8.61
N ALA A 64 15.52 -39.60 -7.38
CA ALA A 64 15.21 -38.76 -6.23
C ALA A 64 16.26 -37.64 -6.05
N LEU A 65 17.53 -37.97 -6.23
CA LEU A 65 18.57 -36.96 -6.07
C LEU A 65 18.56 -35.96 -7.23
N ALA A 66 18.52 -36.47 -8.45
CA ALA A 66 18.43 -35.62 -9.64
C ALA A 66 17.24 -34.67 -9.47
N ASN A 67 16.13 -35.23 -9.02
CA ASN A 67 14.90 -34.46 -8.91
C ASN A 67 15.01 -33.32 -7.89
N PHE A 68 15.71 -33.58 -6.78
CA PHE A 68 15.93 -32.52 -5.80
C PHE A 68 16.67 -31.32 -6.42
N PHE A 69 17.82 -31.59 -7.04
CA PHE A 69 18.57 -30.55 -7.74
C PHE A 69 17.86 -30.10 -9.02
N ARG A 70 16.78 -30.79 -9.37
CA ARG A 70 15.97 -30.41 -10.53
C ARG A 70 16.76 -30.48 -11.82
N ILE A 71 17.55 -31.55 -11.95
CA ILE A 71 18.26 -31.86 -13.18
C ILE A 71 17.87 -33.25 -13.70
N LYS A 72 18.11 -33.48 -14.98
CA LYS A 72 17.80 -34.78 -15.57
C LYS A 72 18.70 -35.90 -15.01
N ALA A 73 18.11 -37.06 -14.75
CA ALA A 73 18.87 -38.20 -14.20
C ALA A 73 19.97 -38.63 -15.16
N ALA A 74 19.74 -38.40 -16.44
CA ALA A 74 20.74 -38.73 -17.46
C ALA A 74 22.10 -38.13 -17.14
N TYR A 75 22.14 -37.21 -16.19
CA TYR A 75 23.39 -36.58 -15.79
C TYR A 75 24.31 -37.60 -15.15
N PHE A 76 23.71 -38.55 -14.45
CA PHE A 76 24.50 -39.61 -13.81
C PHE A 76 24.76 -40.78 -14.75
N THR A 77 23.92 -40.95 -15.74
CA THR A 77 24.08 -42.07 -16.64
C THR A 77 24.55 -41.70 -18.03
N ASP A 78 23.72 -41.06 -18.81
CA ASP A 78 24.13 -40.75 -20.18
C ASP A 78 25.37 -39.84 -20.25
N ASP A 79 26.54 -40.43 -20.42
CA ASP A 79 27.82 -39.71 -20.35
C ASP A 79 27.95 -38.49 -21.27
N GLU A 80 27.14 -38.42 -22.31
CA GLU A 80 27.21 -37.28 -23.24
C GLU A 80 26.44 -36.09 -22.70
N TYR A 81 25.34 -36.36 -22.02
CA TYR A 81 24.54 -35.31 -21.41
C TYR A 81 25.27 -34.76 -20.21
N TYR A 82 25.97 -35.64 -19.50
CA TYR A 82 26.82 -35.18 -18.40
C TYR A 82 27.79 -34.12 -18.91
N GLU A 83 28.28 -34.31 -20.12
CA GLU A 83 29.19 -33.37 -20.75
C GLU A 83 28.53 -32.03 -20.97
N LYS A 84 27.39 -32.05 -21.66
CA LYS A 84 26.61 -30.86 -21.91
C LYS A 84 26.38 -30.07 -20.61
N LEU A 85 25.91 -30.78 -19.58
CA LEU A 85 25.51 -30.15 -18.33
C LEU A 85 26.66 -29.66 -17.45
N ASP A 86 27.76 -30.43 -17.42
CA ASP A 86 28.87 -30.08 -16.56
C ASP A 86 29.50 -28.79 -17.07
N LYS A 87 29.29 -28.48 -18.34
CA LYS A 87 29.75 -27.20 -18.87
C LYS A 87 28.94 -26.06 -18.28
N GLU A 88 27.62 -26.24 -18.21
CA GLU A 88 26.74 -25.25 -17.60
C GLU A 88 27.08 -25.10 -16.12
N LEU A 89 27.28 -26.23 -15.43
CA LEU A 89 27.67 -26.21 -14.03
C LEU A 89 28.95 -25.43 -13.88
N GLN A 90 29.84 -25.56 -14.87
CA GLN A 90 31.11 -24.86 -14.84
C GLN A 90 30.85 -23.36 -14.94
N TRP A 91 29.88 -22.97 -15.75
CA TRP A 91 29.54 -21.54 -15.82
C TRP A 91 28.96 -21.08 -14.49
N LEU A 92 28.12 -21.91 -13.87
CA LEU A 92 27.55 -21.58 -12.56
C LEU A 92 28.61 -21.34 -11.50
N CYS A 93 29.49 -22.31 -11.28
CA CYS A 93 30.57 -22.19 -10.31
CA CYS A 93 30.51 -22.13 -10.26
C CYS A 93 31.38 -20.92 -10.59
N THR A 94 31.76 -20.78 -11.87
CA THR A 94 32.54 -19.63 -12.35
C THR A 94 31.89 -18.29 -12.04
N MET A 95 30.62 -18.16 -12.42
CA MET A 95 29.97 -16.86 -12.38
C MET A 95 29.45 -16.49 -11.00
N ARG A 96 29.42 -17.45 -10.08
CA ARG A 96 28.96 -17.14 -8.73
C ARG A 96 30.11 -16.88 -7.76
N ASP A 97 31.33 -17.06 -8.26
CA ASP A 97 32.55 -16.76 -7.50
C ASP A 97 32.71 -15.26 -7.30
N ASP A 98 32.90 -14.85 -6.04
CA ASP A 98 32.96 -13.44 -5.68
C ASP A 98 33.94 -12.63 -6.52
N GLY A 99 35.18 -13.14 -6.62
CA GLY A 99 36.25 -12.43 -7.29
C GLY A 99 35.92 -12.07 -8.73
N VAL A 100 35.42 -13.06 -9.47
CA VAL A 100 35.08 -12.85 -10.86
C VAL A 100 33.96 -11.83 -10.95
N ARG A 101 33.07 -11.90 -9.98
CA ARG A 101 31.95 -11.00 -9.89
C ARG A 101 32.37 -9.55 -9.62
N ARG A 102 33.27 -9.35 -8.65
CA ARG A 102 33.73 -7.99 -8.38
C ARG A 102 34.31 -7.38 -9.66
N ILE A 103 34.94 -8.22 -10.48
CA ILE A 103 35.60 -7.78 -11.70
C ILE A 103 34.61 -7.48 -12.80
N ALA A 104 33.57 -8.30 -12.90
CA ALA A 104 32.59 -8.16 -13.99
C ALA A 104 31.70 -6.95 -13.75
N GLN A 105 31.43 -6.67 -12.49
CA GLN A 105 30.53 -5.57 -12.15
C GLN A 105 31.29 -4.26 -12.23
N ARG A 106 32.59 -4.30 -12.00
CA ARG A 106 33.37 -3.09 -12.20
C ARG A 106 33.66 -2.82 -13.69
N ALA A 107 33.82 -3.88 -14.48
CA ALA A 107 34.11 -3.74 -15.91
C ALA A 107 32.84 -3.40 -16.68
N HIS A 108 31.70 -3.54 -16.02
CA HIS A 108 30.43 -3.28 -16.65
C HIS A 108 30.25 -1.79 -16.85
N GLY A 109 29.93 -1.39 -18.07
CA GLY A 109 29.77 0.02 -18.38
C GLY A 109 30.90 0.57 -19.22
N LEU A 110 32.04 -0.11 -19.22
CA LEU A 110 33.12 0.23 -20.14
C LEU A 110 32.68 -0.11 -21.56
N PRO A 111 33.13 0.68 -22.53
CA PRO A 111 32.87 0.46 -23.96
C PRO A 111 33.47 -0.87 -24.41
N SER A 112 33.06 -1.35 -25.58
CA SER A 112 33.51 -2.64 -26.09
C SER A 112 35.04 -2.72 -26.19
N ALA A 113 35.64 -1.65 -26.71
CA ALA A 113 37.08 -1.61 -26.94
C ALA A 113 37.91 -1.62 -25.65
N ALA A 114 37.36 -1.02 -24.60
CA ALA A 114 38.05 -0.97 -23.31
C ALA A 114 37.92 -2.33 -22.61
N GLN A 115 36.80 -2.99 -22.85
CA GLN A 115 36.57 -4.29 -22.27
C GLN A 115 37.47 -5.34 -22.89
N GLN A 116 37.77 -5.18 -24.18
CA GLN A 116 38.73 -6.06 -24.85
C GLN A 116 40.09 -5.87 -24.19
N LYS A 117 40.35 -4.63 -23.76
CA LYS A 117 41.57 -4.33 -23.02
C LYS A 117 41.63 -5.01 -21.65
N VAL A 118 40.52 -5.03 -20.90
CA VAL A 118 40.52 -5.70 -19.62
C VAL A 118 40.85 -7.18 -19.79
N LEU A 119 40.27 -7.78 -20.84
CA LEU A 119 40.49 -9.17 -21.21
C LEU A 119 41.95 -9.46 -21.58
N ASP A 120 42.58 -8.52 -22.29
CA ASP A 120 43.99 -8.67 -22.68
C ASP A 120 44.91 -8.67 -21.47
N ARG A 121 44.57 -7.87 -20.46
CA ARG A 121 45.38 -7.82 -19.24
C ARG A 121 45.22 -9.09 -18.40
N ILE A 122 44.02 -9.67 -18.44
CA ILE A 122 43.71 -10.92 -17.75
C ILE A 122 44.55 -12.05 -18.37
N ASP A 123 44.55 -12.09 -19.70
CA ASP A 123 45.33 -13.06 -20.45
C ASP A 123 46.81 -12.94 -20.19
N GLU A 124 47.27 -11.72 -19.95
CA GLU A 124 48.68 -11.47 -19.69
C GLU A 124 49.08 -12.05 -18.33
N LEU A 125 48.28 -11.75 -17.32
CA LEU A 125 48.51 -12.29 -15.97
C LEU A 125 48.38 -13.82 -15.92
N ARG A 126 47.45 -14.39 -16.69
CA ARG A 126 47.30 -15.85 -16.74
C ARG A 126 48.57 -16.52 -17.25
N ARG A 127 49.17 -15.96 -18.30
CA ARG A 127 50.44 -16.49 -18.80
C ARG A 127 51.55 -16.27 -17.78
N ALA A 128 51.42 -15.21 -17.00
CA ALA A 128 52.51 -14.82 -16.11
C ALA A 128 52.44 -15.56 -14.79
N GLU A 129 51.23 -15.93 -14.40
CA GLU A 129 51.00 -16.80 -13.24
C GLU A 129 51.13 -18.29 -13.57
N GLY A 130 51.34 -18.62 -14.84
CA GLY A 130 51.43 -20.02 -15.22
C GLY A 130 50.10 -20.73 -15.47
N ILE A 131 48.99 -20.00 -15.32
CA ILE A 131 47.64 -20.55 -15.54
C ILE A 131 47.43 -20.92 -17.02
N ASP A 132 47.99 -20.12 -17.91
CA ASP A 132 48.05 -20.46 -19.33
C ASP A 132 49.51 -20.70 -19.74
N ALA A 133 49.72 -21.58 -20.71
CA ALA A 133 51.06 -21.86 -21.21
C ALA A 133 51.02 -22.78 -22.41
N THR B 4 7.41 -2.40 -5.42
CA THR B 4 6.99 -3.40 -6.41
C THR B 4 5.89 -4.33 -5.86
N THR B 5 4.97 -4.72 -6.73
CA THR B 5 3.83 -5.54 -6.35
C THR B 5 4.18 -7.04 -6.17
N PHE B 6 3.22 -7.78 -5.61
CA PHE B 6 3.37 -9.23 -5.48
C PHE B 6 3.60 -9.89 -6.85
N ALA B 7 2.72 -9.61 -7.81
CA ALA B 7 2.87 -10.11 -9.17
C ALA B 7 4.26 -9.87 -9.77
N ALA B 8 4.77 -8.66 -9.66
CA ALA B 8 6.10 -8.37 -10.17
C ALA B 8 7.20 -9.17 -9.44
N ARG B 9 7.10 -9.31 -8.13
CA ARG B 9 8.08 -10.11 -7.41
C ARG B 9 7.94 -11.59 -7.77
N LEU B 10 6.71 -12.09 -7.82
CA LEU B 10 6.49 -13.48 -8.23
C LEU B 10 7.07 -13.75 -9.61
N ASN B 11 6.67 -12.94 -10.58
CA ASN B 11 7.14 -13.11 -11.94
C ASN B 11 8.64 -12.95 -12.09
N ARG B 12 9.22 -12.14 -11.22
CA ARG B 12 10.65 -11.94 -11.20
C ARG B 12 11.38 -13.23 -10.78
N LEU B 13 10.80 -13.96 -9.81
CA LEU B 13 11.36 -15.27 -9.45
C LEU B 13 11.27 -16.22 -10.64
N PHE B 14 10.09 -16.30 -11.25
CA PHE B 14 9.93 -17.13 -12.44
C PHE B 14 10.96 -16.81 -13.52
N ASP B 15 11.31 -15.54 -13.66
CA ASP B 15 12.22 -15.13 -14.72
C ASP B 15 13.71 -15.33 -14.42
N THR B 16 14.06 -15.39 -13.14
CA THR B 16 15.47 -15.35 -12.76
C THR B 16 15.97 -16.61 -12.04
N VAL B 17 15.09 -17.33 -11.35
CA VAL B 17 15.49 -18.49 -10.55
C VAL B 17 15.12 -19.78 -11.26
N TYR B 18 16.11 -20.50 -11.80
CA TYR B 18 15.80 -21.79 -12.40
C TYR B 18 17.05 -22.66 -12.58
N PRO B 19 16.86 -23.96 -12.87
CA PRO B 19 17.95 -24.94 -12.85
C PRO B 19 18.84 -24.85 -14.08
N PRO B 20 20.06 -25.41 -14.00
CA PRO B 20 20.94 -25.43 -15.16
C PRO B 20 20.44 -26.44 -16.18
N GLY B 21 20.78 -26.20 -17.45
CA GLY B 21 20.42 -27.11 -18.51
C GLY B 21 19.02 -26.91 -19.02
N ARG B 22 18.36 -25.86 -18.57
CA ARG B 22 17.00 -25.62 -18.98
C ARG B 22 16.61 -24.16 -18.79
N GLY B 23 15.33 -23.85 -18.98
CA GLY B 23 14.83 -22.50 -18.81
C GLY B 23 13.85 -22.41 -17.66
N PRO B 24 13.21 -21.22 -17.51
CA PRO B 24 12.27 -20.89 -16.43
C PRO B 24 11.23 -21.96 -16.15
N HIS B 25 10.92 -22.10 -14.88
CA HIS B 25 9.82 -22.92 -14.47
C HIS B 25 8.51 -22.40 -15.04
N THR B 26 7.59 -23.34 -15.29
CA THR B 26 6.24 -23.03 -15.73
C THR B 26 5.34 -23.03 -14.51
N SER B 27 4.19 -22.39 -14.64
CA SER B 27 3.21 -22.42 -13.57
C SER B 27 2.83 -23.86 -13.22
N ALA B 28 2.70 -24.70 -14.25
CA ALA B 28 2.33 -26.10 -14.03
C ALA B 28 3.36 -26.86 -13.22
N GLU B 29 4.64 -26.62 -13.48
CA GLU B 29 5.71 -27.29 -12.74
C GLU B 29 5.57 -26.98 -11.26
N VAL B 30 5.17 -25.74 -10.97
CA VAL B 30 4.99 -25.30 -9.60
C VAL B 30 3.76 -25.91 -8.95
N ILE B 31 2.65 -25.94 -9.68
CA ILE B 31 1.44 -26.54 -9.14
C ILE B 31 1.76 -27.98 -8.81
N ALA B 32 2.44 -28.65 -9.75
CA ALA B 32 2.83 -30.03 -9.59
C ALA B 32 3.74 -30.29 -8.38
N ALA B 33 4.80 -29.49 -8.23
CA ALA B 33 5.71 -29.65 -7.10
C ALA B 33 5.01 -29.44 -5.77
N LEU B 34 4.08 -28.48 -5.73
CA LEU B 34 3.29 -28.23 -4.52
C LEU B 34 2.41 -29.43 -4.18
N LYS B 35 1.75 -29.96 -5.21
CA LYS B 35 0.93 -31.16 -5.08
C LYS B 35 1.71 -32.27 -4.37
N ALA B 36 2.95 -32.50 -4.78
CA ALA B 36 3.77 -33.57 -4.23
C ALA B 36 4.12 -33.39 -2.75
N GLU B 37 4.22 -32.15 -2.30
CA GLU B 37 4.40 -31.88 -0.87
C GLU B 37 3.04 -31.91 -0.19
N GLY B 38 2.02 -32.31 -0.94
CA GLY B 38 0.67 -32.44 -0.42
C GLY B 38 -0.06 -31.11 -0.35
N ILE B 39 0.43 -30.11 -1.07
CA ILE B 39 -0.20 -28.81 -1.05
C ILE B 39 -1.04 -28.55 -2.29
N THR B 40 -2.23 -27.99 -2.09
CA THR B 40 -3.17 -27.78 -3.17
C THR B 40 -3.20 -26.32 -3.58
N MET B 41 -2.95 -26.06 -4.85
CA MET B 41 -3.12 -24.73 -5.39
C MET B 41 -3.73 -24.84 -6.78
N SER B 42 -4.68 -23.97 -7.08
CA SER B 42 -5.32 -23.99 -8.38
C SER B 42 -4.51 -23.21 -9.42
N ALA B 43 -4.39 -23.79 -10.61
CA ALA B 43 -3.76 -23.13 -11.74
C ALA B 43 -4.40 -21.78 -12.06
N PRO B 44 -5.74 -21.72 -12.03
CA PRO B 44 -6.36 -20.42 -12.27
C PRO B 44 -5.93 -19.39 -11.23
N TYR B 45 -5.83 -19.80 -9.97
CA TYR B 45 -5.45 -18.89 -8.91
C TYR B 45 -4.00 -18.43 -9.11
N LEU B 46 -3.08 -19.38 -9.30
CA LEU B 46 -1.69 -19.02 -9.60
C LEU B 46 -1.62 -18.04 -10.76
N SER B 47 -2.34 -18.36 -11.82
CA SER B 47 -2.42 -17.49 -12.98
C SER B 47 -2.86 -16.09 -12.60
N GLN B 48 -3.93 -16.01 -11.83
CA GLN B 48 -4.42 -14.73 -11.32
C GLN B 48 -3.40 -13.95 -10.50
N LEU B 49 -2.67 -14.64 -9.62
CA LEU B 49 -1.59 -14.01 -8.86
C LEU B 49 -0.50 -13.49 -9.79
N ARG B 50 -0.20 -14.24 -10.85
CA ARG B 50 0.84 -13.81 -11.77
C ARG B 50 0.37 -12.62 -12.59
N SER B 51 -0.93 -12.55 -12.84
CA SER B 51 -1.45 -11.51 -13.71
C SER B 51 -1.90 -10.25 -12.97
N GLY B 52 -2.09 -10.35 -11.64
CA GLY B 52 -2.59 -9.22 -10.87
C GLY B 52 -4.11 -9.11 -10.82
N ASN B 53 -4.81 -10.15 -11.27
CA ASN B 53 -6.27 -10.21 -11.13
C ASN B 53 -6.69 -10.66 -9.73
N ARG B 54 -5.80 -11.32 -9.02
CA ARG B 54 -5.94 -11.41 -7.57
C ARG B 54 -4.65 -10.96 -6.93
N THR B 55 -4.77 -10.44 -5.73
CA THR B 55 -3.68 -9.78 -5.06
C THR B 55 -3.72 -10.25 -3.60
N ASN B 56 -2.85 -9.71 -2.75
CA ASN B 56 -2.80 -10.08 -1.33
C ASN B 56 -2.92 -11.59 -1.06
N PRO B 57 -1.93 -12.36 -1.51
CA PRO B 57 -1.99 -13.81 -1.27
C PRO B 57 -1.82 -14.07 0.23
N SER B 58 -2.37 -15.17 0.75
CA SER B 58 -2.22 -15.49 2.18
C SER B 58 -0.80 -15.90 2.54
N GLY B 59 -0.45 -15.75 3.81
CA GLY B 59 0.86 -16.16 4.32
C GLY B 59 1.30 -17.57 3.92
N ALA B 60 0.35 -18.50 3.91
CA ALA B 60 0.60 -19.88 3.48
C ALA B 60 0.86 -20.00 1.97
N THR B 61 0.05 -19.33 1.16
CA THR B 61 0.30 -19.27 -0.29
C THR B 61 1.70 -18.72 -0.56
N MET B 62 2.04 -17.61 0.08
CA MET B 62 3.37 -17.03 -0.06
C MET B 62 4.48 -18.00 0.40
N ALA B 63 4.30 -18.65 1.54
CA ALA B 63 5.29 -19.59 2.05
C ALA B 63 5.49 -20.80 1.13
N ALA B 64 4.41 -21.24 0.45
CA ALA B 64 4.53 -22.35 -0.50
C ALA B 64 5.24 -21.95 -1.81
N LEU B 65 4.94 -20.77 -2.35
CA LEU B 65 5.68 -20.25 -3.50
C LEU B 65 7.16 -20.00 -3.14
N ALA B 66 7.40 -19.32 -2.02
CA ALA B 66 8.77 -19.10 -1.57
C ALA B 66 9.54 -20.41 -1.36
N ASN B 67 8.86 -21.42 -0.82
CA ASN B 67 9.54 -22.71 -0.63
C ASN B 67 9.83 -23.41 -1.95
N PHE B 68 8.95 -23.25 -2.93
CA PHE B 68 9.26 -23.83 -4.23
C PHE B 68 10.52 -23.23 -4.84
N PHE B 69 10.68 -21.91 -4.78
CA PHE B 69 11.85 -21.27 -5.38
C PHE B 69 13.06 -21.37 -4.48
N ARG B 70 12.83 -21.79 -3.23
CA ARG B 70 13.88 -21.93 -2.23
C ARG B 70 14.48 -20.59 -1.78
N ILE B 71 13.60 -19.66 -1.44
CA ILE B 71 13.98 -18.35 -0.93
C ILE B 71 13.11 -18.00 0.28
N LYS B 72 13.52 -17.03 1.07
CA LYS B 72 12.72 -16.69 2.23
C LYS B 72 11.45 -15.96 1.80
N ALA B 73 10.34 -16.26 2.46
CA ALA B 73 9.09 -15.59 2.15
C ALA B 73 9.21 -14.06 2.34
N ALA B 74 10.20 -13.63 3.12
CA ALA B 74 10.37 -12.21 3.45
C ALA B 74 10.58 -11.39 2.19
N TYR B 75 10.97 -12.10 1.14
CA TYR B 75 11.13 -11.52 -0.18
C TYR B 75 9.84 -10.82 -0.67
N PHE B 76 8.67 -11.36 -0.31
CA PHE B 76 7.41 -10.77 -0.76
C PHE B 76 6.93 -9.62 0.11
N THR B 77 7.31 -9.63 1.38
CA THR B 77 6.72 -8.75 2.40
C THR B 77 7.68 -7.70 2.95
N ASP B 78 8.97 -7.86 2.72
CA ASP B 78 9.95 -6.93 3.29
C ASP B 78 10.76 -6.25 2.18
N ASP B 79 10.68 -4.92 2.14
CA ASP B 79 11.30 -4.14 1.06
C ASP B 79 12.83 -4.17 1.09
N GLU B 80 13.43 -4.00 2.27
CA GLU B 80 14.89 -4.09 2.40
C GLU B 80 15.40 -5.43 1.90
N TYR B 81 14.86 -6.51 2.45
CA TYR B 81 15.30 -7.84 2.06
C TYR B 81 15.03 -8.09 0.59
N TYR B 82 13.86 -7.67 0.12
CA TYR B 82 13.55 -7.81 -1.30
C TYR B 82 14.67 -7.23 -2.18
N GLU B 83 15.14 -6.04 -1.84
CA GLU B 83 16.15 -5.37 -2.65
C GLU B 83 17.51 -6.06 -2.53
N LYS B 84 17.86 -6.45 -1.33
CA LYS B 84 19.09 -7.18 -1.09
C LYS B 84 19.14 -8.39 -2.00
N LEU B 85 18.09 -9.21 -1.93
CA LEU B 85 18.02 -10.45 -2.70
C LEU B 85 17.84 -10.19 -4.19
N ASP B 86 17.09 -9.14 -4.52
CA ASP B 86 16.96 -8.78 -5.92
C ASP B 86 18.29 -8.48 -6.60
N LYS B 87 19.26 -7.97 -5.83
CA LYS B 87 20.61 -7.75 -6.36
C LYS B 87 21.21 -9.08 -6.80
N GLU B 88 21.06 -10.10 -5.97
CA GLU B 88 21.54 -11.44 -6.29
C GLU B 88 20.87 -11.99 -7.55
N LEU B 89 19.57 -11.75 -7.68
CA LEU B 89 18.83 -12.18 -8.85
C LEU B 89 19.33 -11.43 -10.08
N GLN B 90 19.60 -10.13 -9.90
CA GLN B 90 20.11 -9.34 -11.00
C GLN B 90 21.36 -9.98 -11.58
N TRP B 91 22.28 -10.37 -10.70
CA TRP B 91 23.52 -10.99 -11.16
C TRP B 91 23.24 -12.27 -11.95
N LEU B 92 22.23 -13.03 -11.55
CA LEU B 92 21.87 -14.26 -12.24
C LEU B 92 21.47 -14.00 -13.68
N CYS B 93 21.17 -12.74 -13.97
CA CYS B 93 20.88 -12.35 -15.34
C CYS B 93 22.16 -11.92 -16.04
N THR B 94 22.83 -10.94 -15.46
CA THR B 94 24.04 -10.40 -16.08
C THR B 94 25.10 -11.48 -16.33
N MET B 95 25.13 -12.49 -15.46
CA MET B 95 26.09 -13.58 -15.64
C MET B 95 25.85 -14.42 -16.89
N ARG B 96 24.58 -14.59 -17.26
CA ARG B 96 24.25 -15.40 -18.44
C ARG B 96 24.57 -14.63 -19.73
N ASP B 97 24.88 -13.34 -19.60
CA ASP B 97 25.33 -12.54 -20.73
C ASP B 97 26.62 -13.10 -21.35
N ASP B 98 26.71 -13.08 -22.67
CA ASP B 98 27.90 -13.56 -23.37
C ASP B 98 29.07 -12.58 -23.28
N GLY B 99 28.78 -11.28 -23.37
CA GLY B 99 29.80 -10.25 -23.25
C GLY B 99 30.51 -10.27 -21.90
N VAL B 100 29.76 -10.49 -20.82
CA VAL B 100 30.35 -10.49 -19.48
C VAL B 100 31.04 -11.81 -19.16
N ARG B 101 30.55 -12.89 -19.76
CA ARG B 101 31.19 -14.19 -19.60
C ARG B 101 32.63 -14.18 -20.09
N ARG B 102 32.83 -13.74 -21.33
CA ARG B 102 34.17 -13.60 -21.88
C ARG B 102 35.20 -13.09 -20.85
N ILE B 103 35.01 -11.85 -20.41
CA ILE B 103 35.92 -11.24 -19.43
C ILE B 103 35.92 -11.89 -18.06
N ALA B 104 34.78 -11.79 -17.38
CA ALA B 104 34.63 -12.37 -16.06
C ALA B 104 35.24 -13.77 -15.96
N GLN B 105 34.92 -14.64 -16.92
CA GLN B 105 35.32 -16.05 -16.85
C GLN B 105 36.82 -16.29 -16.73
N ARG B 106 37.62 -15.71 -17.64
CA ARG B 106 39.07 -15.90 -17.63
C ARG B 106 39.73 -15.47 -16.33
N ALA B 107 39.11 -14.52 -15.63
CA ALA B 107 39.61 -14.05 -14.35
C ALA B 107 39.52 -15.12 -13.25
N HIS B 108 38.57 -16.05 -13.41
CA HIS B 108 38.49 -17.19 -12.50
C HIS B 108 39.72 -18.03 -12.77
N GLY B 109 40.57 -18.15 -11.77
CA GLY B 109 41.81 -18.86 -11.98
C GLY B 109 43.02 -18.03 -11.59
N LEU B 110 42.84 -16.71 -11.58
CA LEU B 110 43.90 -15.84 -11.12
C LEU B 110 43.87 -15.79 -9.60
N PRO B 111 45.06 -15.73 -8.98
CA PRO B 111 45.14 -15.62 -7.53
C PRO B 111 44.60 -14.27 -7.07
N SER B 112 44.26 -14.19 -5.80
CA SER B 112 43.72 -12.95 -5.25
C SER B 112 44.56 -11.76 -5.71
N ALA B 113 45.88 -11.89 -5.58
CA ALA B 113 46.78 -10.79 -5.88
C ALA B 113 46.67 -10.31 -7.32
N ALA B 114 46.50 -11.26 -8.24
CA ALA B 114 46.49 -10.94 -9.66
C ALA B 114 45.17 -10.31 -10.08
N GLN B 115 44.09 -10.65 -9.38
CA GLN B 115 42.80 -10.07 -9.68
C GLN B 115 42.76 -8.60 -9.25
N GLN B 116 43.59 -8.27 -8.27
CA GLN B 116 43.66 -6.90 -7.80
C GLN B 116 44.22 -5.99 -8.89
N LYS B 117 45.14 -6.53 -9.69
CA LYS B 117 45.71 -5.76 -10.80
C LYS B 117 44.69 -5.59 -11.94
N VAL B 118 43.84 -6.59 -12.14
CA VAL B 118 42.77 -6.48 -13.11
C VAL B 118 41.80 -5.40 -12.67
N LEU B 119 41.47 -5.36 -11.39
CA LEU B 119 40.60 -4.33 -10.86
C LEU B 119 41.23 -2.96 -11.09
N ASP B 120 42.54 -2.88 -10.94
CA ASP B 120 43.25 -1.63 -11.10
C ASP B 120 43.23 -1.17 -12.55
N ARG B 121 43.46 -2.09 -13.47
CA ARG B 121 43.43 -1.77 -14.89
C ARG B 121 42.07 -1.21 -15.30
N ILE B 122 41.03 -1.84 -14.78
CA ILE B 122 39.65 -1.42 -14.98
C ILE B 122 39.39 0.01 -14.51
N ASP B 123 39.86 0.32 -13.31
CA ASP B 123 39.72 1.68 -12.79
C ASP B 123 40.38 2.68 -13.75
N GLU B 124 41.57 2.33 -14.26
CA GLU B 124 42.27 3.18 -15.22
C GLU B 124 41.47 3.37 -16.50
N LEU B 125 40.89 2.30 -17.02
CA LEU B 125 40.08 2.41 -18.22
C LEU B 125 38.82 3.23 -17.97
N ARG B 126 38.37 3.23 -16.71
CA ARG B 126 37.22 4.01 -16.29
C ARG B 126 37.50 5.50 -16.43
N ARG B 127 38.57 5.95 -15.80
CA ARG B 127 39.00 7.33 -15.88
C ARG B 127 39.24 7.75 -17.32
N ALA B 128 39.86 6.88 -18.11
CA ALA B 128 40.18 7.21 -19.50
C ALA B 128 38.92 7.41 -20.34
N GLU B 129 37.78 7.07 -19.72
CA GLU B 129 36.42 7.26 -20.29
C GLU B 129 35.50 8.24 -19.52
N GLY B 130 35.14 7.94 -18.26
CA GLY B 130 34.34 8.87 -17.48
C GLY B 130 34.94 9.10 -16.10
N ILE B 131 34.42 8.43 -15.07
CA ILE B 131 33.26 7.55 -15.20
C ILE B 131 32.77 7.16 -13.81
N SER C 3 -2.04 1.16 -7.53
CA SER C 3 -1.64 0.33 -8.65
C SER C 3 -2.23 -1.08 -8.55
N THR C 4 -3.28 -1.23 -7.74
CA THR C 4 -3.99 -2.51 -7.69
C THR C 4 -5.16 -2.48 -8.69
N THR C 5 -5.30 -3.55 -9.46
CA THR C 5 -6.30 -3.63 -10.52
C THR C 5 -7.71 -3.68 -9.95
N PHE C 6 -8.65 -3.03 -10.63
CA PHE C 6 -10.03 -3.04 -10.15
C PHE C 6 -10.51 -4.47 -9.87
N ALA C 7 -10.19 -5.39 -10.77
CA ALA C 7 -10.54 -6.79 -10.59
C ALA C 7 -9.98 -7.35 -9.28
N ALA C 8 -8.72 -7.06 -8.98
CA ALA C 8 -8.13 -7.52 -7.73
C ALA C 8 -8.80 -6.87 -6.54
N ARG C 9 -9.17 -5.60 -6.65
CA ARG C 9 -9.80 -4.93 -5.52
C ARG C 9 -11.17 -5.53 -5.22
N LEU C 10 -11.86 -5.93 -6.27
CA LEU C 10 -13.20 -6.46 -6.16
C LEU C 10 -13.20 -7.92 -5.67
N ASN C 11 -12.34 -8.74 -6.26
CA ASN C 11 -12.18 -10.12 -5.84
C ASN C 11 -11.79 -10.22 -4.35
N ARG C 12 -10.94 -9.30 -3.93
CA ARG C 12 -10.54 -9.13 -2.56
C ARG C 12 -11.77 -8.98 -1.62
N LEU C 13 -12.78 -8.22 -2.06
CA LEU C 13 -13.99 -8.03 -1.26
C LEU C 13 -14.80 -9.31 -1.16
N PHE C 14 -14.98 -10.00 -2.28
CA PHE C 14 -15.61 -11.31 -2.26
C PHE C 14 -14.88 -12.26 -1.34
N ASP C 15 -13.56 -12.18 -1.33
CA ASP C 15 -12.74 -13.17 -0.66
C ASP C 15 -12.75 -12.98 0.86
N THR C 16 -12.96 -11.75 1.31
CA THR C 16 -12.75 -11.40 2.72
C THR C 16 -13.97 -10.83 3.43
N VAL C 17 -14.92 -10.27 2.69
CA VAL C 17 -16.06 -9.60 3.34
C VAL C 17 -17.36 -10.38 3.16
N TYR C 18 -17.84 -10.93 4.25
CA TYR C 18 -19.03 -11.74 4.20
C TYR C 18 -19.48 -11.98 5.62
N PRO C 19 -20.70 -12.48 5.79
CA PRO C 19 -21.27 -12.52 7.13
C PRO C 19 -20.74 -13.64 7.99
N PRO C 20 -20.96 -13.53 9.29
CA PRO C 20 -20.60 -14.61 10.21
C PRO C 20 -21.51 -15.80 10.00
N GLY C 21 -20.97 -17.00 10.18
CA GLY C 21 -21.78 -18.20 10.08
C GLY C 21 -21.85 -18.82 8.69
N ARG C 22 -21.16 -18.20 7.73
CA ARG C 22 -21.20 -18.69 6.35
C ARG C 22 -19.94 -18.28 5.60
N GLY C 23 -19.85 -18.67 4.33
CA GLY C 23 -18.72 -18.31 3.49
C GLY C 23 -18.90 -17.07 2.63
N PRO C 24 -17.94 -16.84 1.73
CA PRO C 24 -17.94 -15.70 0.80
C PRO C 24 -19.24 -15.60 0.01
N HIS C 25 -19.66 -14.38 -0.31
CA HIS C 25 -20.82 -14.19 -1.17
C HIS C 25 -20.44 -14.62 -2.60
N THR C 26 -21.37 -15.19 -3.35
CA THR C 26 -21.12 -15.49 -4.78
C THR C 26 -21.49 -14.28 -5.62
N SER C 27 -21.08 -14.30 -6.89
CA SER C 27 -21.49 -13.25 -7.84
C SER C 27 -23.01 -13.22 -7.98
N ALA C 28 -23.62 -14.39 -7.96
CA ALA C 28 -25.07 -14.52 -8.08
C ALA C 28 -25.83 -13.97 -6.87
N GLU C 29 -25.16 -13.83 -5.72
CA GLU C 29 -25.84 -13.23 -4.57
C GLU C 29 -25.82 -11.73 -4.72
N VAL C 30 -24.72 -11.21 -5.23
CA VAL C 30 -24.57 -9.79 -5.46
C VAL C 30 -25.60 -9.34 -6.48
N ILE C 31 -25.70 -10.07 -7.59
CA ILE C 31 -26.65 -9.69 -8.63
C ILE C 31 -28.07 -9.65 -8.09
N ALA C 32 -28.43 -10.69 -7.31
CA ALA C 32 -29.75 -10.74 -6.70
C ALA C 32 -29.98 -9.61 -5.73
N ALA C 33 -28.94 -9.21 -5.02
CA ALA C 33 -29.12 -8.20 -3.99
C ALA C 33 -29.30 -6.82 -4.62
N LEU C 34 -28.52 -6.51 -5.65
CA LEU C 34 -28.74 -5.30 -6.43
C LEU C 34 -30.14 -5.26 -7.05
N LYS C 35 -30.54 -6.37 -7.66
CA LYS C 35 -31.87 -6.50 -8.26
C LYS C 35 -32.98 -6.26 -7.23
N ALA C 36 -32.76 -6.68 -5.99
CA ALA C 36 -33.73 -6.43 -4.92
C ALA C 36 -33.82 -4.93 -4.57
N GLU C 37 -32.74 -4.18 -4.80
CA GLU C 37 -32.76 -2.73 -4.62
C GLU C 37 -33.21 -2.01 -5.88
N GLY C 38 -33.62 -2.77 -6.89
CA GLY C 38 -34.09 -2.20 -8.14
C GLY C 38 -32.96 -1.83 -9.07
N ILE C 39 -31.79 -2.38 -8.78
CA ILE C 39 -30.60 -2.15 -9.62
C ILE C 39 -30.30 -3.36 -10.50
N THR C 40 -30.21 -3.10 -11.81
CA THR C 40 -29.95 -4.11 -12.82
C THR C 40 -28.46 -4.23 -13.09
N MET C 41 -27.95 -5.46 -13.13
CA MET C 41 -26.56 -5.71 -13.55
C MET C 41 -26.43 -7.07 -14.19
N SER C 42 -25.72 -7.11 -15.32
CA SER C 42 -25.53 -8.36 -16.06
CA SER C 42 -25.54 -8.35 -16.06
C SER C 42 -24.59 -9.31 -15.33
N ALA C 43 -25.03 -10.55 -15.17
CA ALA C 43 -24.20 -11.57 -14.57
C ALA C 43 -22.96 -11.87 -15.42
N PRO C 44 -23.15 -12.13 -16.73
CA PRO C 44 -21.94 -12.38 -17.53
C PRO C 44 -20.96 -11.22 -17.40
N TYR C 45 -21.50 -10.01 -17.25
CA TYR C 45 -20.71 -8.81 -17.18
C TYR C 45 -19.90 -8.72 -15.90
N LEU C 46 -20.55 -8.97 -14.77
CA LEU C 46 -19.87 -8.98 -13.49
C LEU C 46 -18.80 -10.07 -13.51
N SER C 47 -19.11 -11.15 -14.21
CA SER C 47 -18.18 -12.25 -14.36
C SER C 47 -16.93 -11.77 -15.10
N GLN C 48 -17.12 -10.76 -15.94
CA GLN C 48 -16.04 -10.22 -16.77
C GLN C 48 -15.25 -9.12 -16.06
N LEU C 49 -15.84 -8.51 -15.05
CA LEU C 49 -15.09 -7.63 -14.17
C LEU C 49 -14.18 -8.44 -13.24
N ARG C 50 -14.61 -9.64 -12.88
CA ARG C 50 -13.83 -10.44 -11.93
C ARG C 50 -12.65 -11.16 -12.60
N SER C 51 -12.76 -11.40 -13.92
CA SER C 51 -11.64 -11.99 -14.65
C SER C 51 -10.75 -10.94 -15.26
N GLY C 52 -11.21 -9.69 -15.27
CA GLY C 52 -10.45 -8.61 -15.87
C GLY C 52 -10.66 -8.53 -17.38
N ASN C 53 -11.42 -9.48 -17.93
CA ASN C 53 -11.75 -9.48 -19.35
C ASN C 53 -12.48 -8.20 -19.77
N ARG C 54 -13.23 -7.62 -18.83
CA ARG C 54 -13.72 -6.26 -18.98
C ARG C 54 -13.08 -5.43 -17.88
N THR C 55 -12.81 -4.16 -18.14
CA THR C 55 -12.17 -3.28 -17.18
C THR C 55 -12.84 -1.92 -17.20
N ASN C 56 -12.25 -0.95 -16.50
CA ASN C 56 -12.77 0.40 -16.41
C ASN C 56 -14.28 0.54 -16.12
N PRO C 57 -14.72 0.04 -14.97
CA PRO C 57 -16.12 0.23 -14.63
C PRO C 57 -16.51 1.66 -14.29
N SER C 58 -17.77 2.01 -14.53
CA SER C 58 -18.28 3.34 -14.27
C SER C 58 -18.45 3.62 -12.78
N GLY C 59 -18.66 4.89 -12.45
CA GLY C 59 -18.86 5.30 -11.07
C GLY C 59 -20.15 4.73 -10.49
N ALA C 60 -21.12 4.52 -11.37
CA ALA C 60 -22.40 3.95 -10.94
C ALA C 60 -22.19 2.51 -10.54
N THR C 61 -21.54 1.76 -11.43
CA THR C 61 -21.19 0.37 -11.18
C THR C 61 -20.43 0.20 -9.88
N MET C 62 -19.34 0.96 -9.73
CA MET C 62 -18.51 0.82 -8.55
C MET C 62 -19.29 1.17 -7.30
N ALA C 63 -20.23 2.09 -7.43
CA ALA C 63 -20.99 2.55 -6.28
C ALA C 63 -21.90 1.44 -5.78
N ALA C 64 -22.54 0.74 -6.72
CA ALA C 64 -23.41 -0.38 -6.38
C ALA C 64 -22.67 -1.56 -5.77
N LEU C 65 -21.57 -1.99 -6.40
CA LEU C 65 -20.81 -3.10 -5.87
C LEU C 65 -20.28 -2.74 -4.48
N ALA C 66 -19.82 -1.51 -4.33
CA ALA C 66 -19.26 -1.09 -3.05
C ALA C 66 -20.35 -1.11 -2.00
N ASN C 67 -21.55 -0.74 -2.42
CA ASN C 67 -22.72 -0.72 -1.55
C ASN C 67 -23.17 -2.09 -1.11
N PHE C 68 -23.06 -3.09 -1.99
CA PHE C 68 -23.44 -4.42 -1.57
C PHE C 68 -22.51 -4.85 -0.44
N PHE C 69 -21.22 -4.59 -0.62
CA PHE C 69 -20.21 -4.92 0.39
C PHE C 69 -20.23 -4.01 1.60
N ARG C 70 -20.99 -2.93 1.52
CA ARG C 70 -21.09 -1.90 2.59
C ARG C 70 -19.78 -1.18 2.95
N ILE C 71 -18.98 -0.86 1.93
CA ILE C 71 -17.77 -0.07 2.11
C ILE C 71 -17.80 1.17 1.21
N LYS C 72 -16.96 2.16 1.50
CA LYS C 72 -16.85 3.36 0.66
C LYS C 72 -16.31 3.03 -0.72
N ALA C 73 -16.99 3.50 -1.75
CA ALA C 73 -16.55 3.37 -3.14
C ALA C 73 -15.14 3.96 -3.38
N ALA C 74 -14.69 4.81 -2.46
CA ALA C 74 -13.34 5.37 -2.53
C ALA C 74 -12.30 4.26 -2.43
N TYR C 75 -12.76 3.05 -2.18
CA TYR C 75 -11.87 1.91 -2.07
C TYR C 75 -11.35 1.50 -3.45
N PHE C 76 -12.11 1.81 -4.49
CA PHE C 76 -11.67 1.45 -5.84
C PHE C 76 -10.77 2.51 -6.45
N THR C 77 -11.04 3.77 -6.10
CA THR C 77 -10.38 4.94 -6.69
C THR C 77 -9.27 5.51 -5.80
N ASP C 78 -9.63 6.05 -4.65
CA ASP C 78 -8.71 6.74 -3.76
C ASP C 78 -7.74 5.71 -3.19
N ASP C 79 -6.47 5.78 -3.61
CA ASP C 79 -5.47 4.83 -3.14
C ASP C 79 -5.16 4.99 -1.64
N GLU C 80 -5.14 6.22 -1.17
CA GLU C 80 -4.95 6.47 0.26
C GLU C 80 -5.96 5.69 1.11
N TYR C 81 -7.20 5.60 0.63
CA TYR C 81 -8.23 4.86 1.35
C TYR C 81 -8.15 3.36 1.08
N TYR C 82 -7.81 2.97 -0.14
CA TYR C 82 -7.52 1.56 -0.43
C TYR C 82 -6.53 1.00 0.58
N GLU C 83 -5.43 1.72 0.80
CA GLU C 83 -4.37 1.24 1.68
C GLU C 83 -4.94 1.09 3.09
N LYS C 84 -5.70 2.09 3.52
CA LYS C 84 -6.21 2.12 4.88
C LYS C 84 -7.15 0.94 5.17
N LEU C 85 -8.02 0.66 4.21
CA LEU C 85 -9.04 -0.37 4.36
C LEU C 85 -8.49 -1.76 4.10
N ASP C 86 -7.45 -1.86 3.28
CA ASP C 86 -6.89 -3.16 2.97
C ASP C 86 -6.28 -3.81 4.22
N LYS C 87 -5.78 -2.99 5.13
CA LYS C 87 -5.33 -3.45 6.42
C LYS C 87 -6.50 -4.00 7.24
N GLU C 88 -7.65 -3.36 7.12
CA GLU C 88 -8.87 -3.81 7.77
C GLU C 88 -9.36 -5.14 7.21
N LEU C 89 -9.29 -5.31 5.89
CA LEU C 89 -9.65 -6.56 5.27
C LEU C 89 -8.65 -7.67 5.68
N GLN C 90 -7.38 -7.31 5.83
CA GLN C 90 -6.41 -8.29 6.29
C GLN C 90 -6.79 -8.82 7.67
N TRP C 91 -7.23 -7.91 8.53
CA TRP C 91 -7.72 -8.25 9.86
C TRP C 91 -8.86 -9.28 9.86
N LEU C 92 -9.84 -9.10 8.97
CA LEU C 92 -10.94 -10.05 8.87
C LEU C 92 -10.47 -11.46 8.61
N CYS C 93 -9.40 -11.59 7.82
CA CYS C 93 -8.84 -12.91 7.49
C CYS C 93 -8.15 -13.52 8.70
N THR C 94 -7.56 -12.65 9.51
CA THR C 94 -6.88 -13.06 10.71
C THR C 94 -7.89 -13.61 11.73
N MET C 95 -8.99 -12.89 11.92
CA MET C 95 -9.99 -13.26 12.91
C MET C 95 -10.59 -14.64 12.62
N ARG C 96 -10.64 -14.99 11.34
CA ARG C 96 -11.25 -16.26 10.89
C ARG C 96 -10.30 -17.42 10.96
N ASP C 97 -9.01 -17.15 11.15
CA ASP C 97 -8.04 -18.22 11.10
C ASP C 97 -8.07 -19.10 12.36
N ASP C 98 -8.21 -20.40 12.17
CA ASP C 98 -8.40 -21.29 13.31
C ASP C 98 -7.13 -21.33 14.16
N GLY C 99 -5.97 -21.39 13.51
CA GLY C 99 -4.70 -21.40 14.21
C GLY C 99 -4.49 -20.16 15.06
N VAL C 100 -4.63 -19.01 14.43
CA VAL C 100 -4.62 -17.72 15.10
C VAL C 100 -5.68 -17.66 16.20
N ARG C 101 -6.87 -18.20 15.92
CA ARG C 101 -7.92 -18.23 16.92
C ARG C 101 -7.48 -18.92 18.23
N ARG C 102 -6.90 -20.10 18.11
CA ARG C 102 -6.41 -20.82 19.28
C ARG C 102 -5.45 -19.93 20.08
N ILE C 103 -4.47 -19.36 19.37
CA ILE C 103 -3.45 -18.55 20.01
C ILE C 103 -4.05 -17.37 20.76
N ALA C 104 -4.97 -16.65 20.11
CA ALA C 104 -5.64 -15.51 20.71
C ALA C 104 -6.41 -15.89 21.97
N GLN C 105 -7.21 -16.94 21.89
CA GLN C 105 -8.01 -17.38 23.01
C GLN C 105 -7.14 -17.70 24.21
N ARG C 106 -6.19 -18.62 24.02
CA ARG C 106 -5.32 -19.03 25.11
C ARG C 106 -4.47 -17.88 25.68
N ALA C 107 -4.12 -16.90 24.86
CA ALA C 107 -3.32 -15.78 25.34
C ALA C 107 -4.18 -14.72 25.99
N HIS C 108 -5.48 -14.74 25.69
CA HIS C 108 -6.42 -13.80 26.28
C HIS C 108 -6.51 -14.01 27.79
N GLY C 109 -6.20 -12.97 28.55
CA GLY C 109 -6.20 -13.07 29.99
C GLY C 109 -4.84 -12.79 30.61
N LEU C 110 -3.79 -12.88 29.80
CA LEU C 110 -2.44 -12.57 30.24
C LEU C 110 -2.24 -11.05 30.35
N PRO C 111 -1.59 -10.62 31.44
CA PRO C 111 -1.15 -9.22 31.63
C PRO C 111 -0.30 -8.74 30.46
N SER C 112 -0.31 -7.45 30.17
CA SER C 112 0.40 -6.93 29.00
C SER C 112 1.88 -7.35 28.96
N ALA C 113 2.44 -7.62 30.14
CA ALA C 113 3.84 -8.03 30.25
C ALA C 113 4.03 -9.39 29.60
N ALA C 114 3.32 -10.38 30.13
CA ALA C 114 3.29 -11.70 29.52
C ALA C 114 2.98 -11.62 28.02
N GLN C 115 1.96 -10.83 27.66
CA GLN C 115 1.59 -10.69 26.26
C GLN C 115 2.76 -10.24 25.37
N GLN C 116 3.59 -9.32 25.88
CA GLN C 116 4.76 -8.87 25.14
C GLN C 116 5.77 -10.00 24.92
N LYS C 117 5.81 -10.96 25.83
CA LYS C 117 6.72 -12.09 25.73
C LYS C 117 6.22 -13.08 24.69
N VAL C 118 4.91 -13.13 24.54
CA VAL C 118 4.31 -13.91 23.45
C VAL C 118 4.73 -13.29 22.11
N LEU C 119 4.62 -11.96 22.02
CA LEU C 119 5.07 -11.23 20.85
C LEU C 119 6.53 -11.47 20.54
N ASP C 120 7.38 -11.42 21.56
CA ASP C 120 8.82 -11.63 21.38
C ASP C 120 9.12 -12.98 20.74
N ARG C 121 8.42 -14.01 21.20
CA ARG C 121 8.64 -15.38 20.75
C ARG C 121 8.16 -15.59 19.31
N ILE C 122 7.05 -14.95 19.00
CA ILE C 122 6.49 -15.00 17.67
C ILE C 122 7.45 -14.37 16.68
N ASP C 123 8.10 -13.29 17.10
CA ASP C 123 9.07 -12.63 16.27
C ASP C 123 10.26 -13.54 15.98
N GLU C 124 10.74 -14.24 17.00
CA GLU C 124 11.85 -15.17 16.80
C GLU C 124 11.51 -16.24 15.76
N LEU C 125 10.30 -16.79 15.86
CA LEU C 125 9.87 -17.85 14.97
C LEU C 125 9.69 -17.36 13.52
N ARG C 126 9.10 -16.19 13.36
CA ARG C 126 8.94 -15.61 12.02
C ARG C 126 10.32 -15.48 11.38
N ARG C 127 11.29 -15.05 12.17
CA ARG C 127 12.65 -14.80 11.69
C ARG C 127 13.36 -16.11 11.39
N ALA C 128 13.00 -17.15 12.11
CA ALA C 128 13.68 -18.44 11.96
C ALA C 128 13.15 -19.21 10.76
N GLU C 129 11.87 -19.01 10.47
CA GLU C 129 11.19 -19.64 9.34
C GLU C 129 11.33 -18.85 8.05
N GLY C 130 11.91 -17.64 8.14
CA GLY C 130 12.13 -16.84 6.95
C GLY C 130 10.98 -15.91 6.61
N ILE C 131 9.99 -15.84 7.50
CA ILE C 131 8.84 -14.95 7.30
C ILE C 131 9.34 -13.53 7.40
N ASP C 132 10.29 -13.32 8.32
CA ASP C 132 10.96 -12.03 8.48
C ASP C 132 12.44 -12.12 8.15
N ALA C 133 13.04 -13.29 8.39
CA ALA C 133 14.50 -13.41 8.35
C ALA C 133 15.16 -12.43 7.34
N SER D 3 -33.18 -18.78 27.71
CA SER D 3 -33.29 -17.96 26.49
C SER D 3 -33.10 -16.48 26.82
N THR D 4 -32.32 -15.79 25.99
CA THR D 4 -32.20 -14.35 26.08
C THR D 4 -33.31 -13.71 25.26
N THR D 5 -33.56 -12.42 25.47
CA THR D 5 -34.71 -11.78 24.86
C THR D 5 -34.45 -11.41 23.38
N PHE D 6 -35.51 -10.95 22.71
CA PHE D 6 -35.38 -10.51 21.33
C PHE D 6 -34.54 -9.23 21.27
N ALA D 7 -34.89 -8.27 22.12
CA ALA D 7 -34.12 -7.05 22.34
C ALA D 7 -32.61 -7.32 22.51
N ALA D 8 -32.26 -8.22 23.41
CA ALA D 8 -30.84 -8.50 23.63
C ALA D 8 -30.21 -9.13 22.39
N ARG D 9 -30.90 -10.09 21.79
CA ARG D 9 -30.39 -10.73 20.57
C ARG D 9 -30.15 -9.73 19.44
N LEU D 10 -31.14 -8.87 19.23
CA LEU D 10 -31.07 -7.84 18.19
C LEU D 10 -29.92 -6.83 18.44
N ASN D 11 -29.90 -6.24 19.63
CA ASN D 11 -28.79 -5.33 20.01
C ASN D 11 -27.42 -6.00 19.91
N ARG D 12 -27.38 -7.30 20.13
CA ARG D 12 -26.15 -8.03 19.98
C ARG D 12 -25.66 -8.04 18.53
N LEU D 13 -26.59 -8.12 17.55
CA LEU D 13 -26.20 -8.06 16.13
C LEU D 13 -25.70 -6.68 15.79
N PHE D 14 -26.38 -5.68 16.32
CA PHE D 14 -25.95 -4.30 16.16
C PHE D 14 -24.55 -4.07 16.73
N ASP D 15 -24.27 -4.71 17.87
CA ASP D 15 -22.98 -4.54 18.52
C ASP D 15 -21.85 -5.29 17.81
N THR D 16 -22.16 -6.33 17.05
CA THR D 16 -21.08 -7.20 16.61
C THR D 16 -20.94 -7.39 15.09
N VAL D 17 -21.98 -7.05 14.35
CA VAL D 17 -22.01 -7.32 12.92
C VAL D 17 -22.08 -6.02 12.13
N TYR D 18 -20.94 -5.59 11.63
CA TYR D 18 -20.87 -4.38 10.84
C TYR D 18 -19.68 -4.46 9.91
N PRO D 19 -19.58 -3.51 8.97
CA PRO D 19 -18.57 -3.62 7.91
C PRO D 19 -17.17 -3.27 8.40
N PRO D 20 -16.14 -3.63 7.60
CA PRO D 20 -14.79 -3.22 7.96
C PRO D 20 -14.63 -1.72 7.75
N GLY D 21 -13.73 -1.11 8.51
CA GLY D 21 -13.44 0.31 8.37
C GLY D 21 -14.52 1.26 8.86
N ARG D 22 -15.46 0.74 9.65
CA ARG D 22 -16.45 1.59 10.30
C ARG D 22 -16.94 0.94 11.57
N GLY D 23 -17.94 1.53 12.20
CA GLY D 23 -18.51 0.99 13.42
C GLY D 23 -19.92 0.44 13.24
N PRO D 24 -20.54 0.02 14.35
CA PRO D 24 -21.88 -0.58 14.37
C PRO D 24 -22.89 0.24 13.56
N HIS D 25 -23.82 -0.45 12.90
CA HIS D 25 -24.89 0.20 12.16
C HIS D 25 -25.90 0.86 13.09
N THR D 26 -26.59 1.86 12.56
CA THR D 26 -27.56 2.61 13.35
C THR D 26 -28.94 2.15 12.99
N SER D 27 -29.92 2.56 13.77
CA SER D 27 -31.29 2.16 13.46
C SER D 27 -31.72 2.78 12.14
N ALA D 28 -31.42 4.06 11.96
CA ALA D 28 -31.66 4.76 10.70
C ALA D 28 -31.10 4.02 9.46
N GLU D 29 -29.85 3.57 9.52
CA GLU D 29 -29.33 2.76 8.41
C GLU D 29 -30.18 1.54 8.10
N VAL D 30 -30.66 0.88 9.15
CA VAL D 30 -31.44 -0.34 8.96
C VAL D 30 -32.78 -0.04 8.30
N ILE D 31 -33.45 1.01 8.78
CA ILE D 31 -34.70 1.45 8.21
C ILE D 31 -34.51 1.84 6.74
N ALA D 32 -33.47 2.63 6.47
CA ALA D 32 -33.14 3.05 5.10
C ALA D 32 -32.90 1.86 4.17
N ALA D 33 -32.16 0.88 4.66
CA ALA D 33 -31.87 -0.31 3.87
C ALA D 33 -33.12 -1.13 3.64
N LEU D 34 -34.01 -1.14 4.63
CA LEU D 34 -35.23 -1.90 4.43
C LEU D 34 -36.06 -1.21 3.34
N LYS D 35 -36.10 0.11 3.39
CA LYS D 35 -36.89 0.87 2.44
C LYS D 35 -36.38 0.65 1.02
N ALA D 36 -35.07 0.72 0.83
CA ALA D 36 -34.52 0.54 -0.50
C ALA D 36 -34.94 -0.80 -1.14
N GLU D 37 -35.28 -1.78 -0.31
CA GLU D 37 -35.73 -3.09 -0.79
C GLU D 37 -37.25 -3.24 -0.92
N GLY D 38 -38.01 -2.21 -0.55
CA GLY D 38 -39.46 -2.30 -0.60
C GLY D 38 -40.12 -2.77 0.69
N ILE D 39 -39.34 -2.84 1.76
CA ILE D 39 -39.86 -3.17 3.08
C ILE D 39 -40.01 -1.88 3.88
N THR D 40 -41.21 -1.65 4.41
CA THR D 40 -41.42 -0.47 5.20
C THR D 40 -41.48 -0.87 6.66
N MET D 41 -40.67 -0.21 7.47
CA MET D 41 -40.68 -0.39 8.90
C MET D 41 -40.45 0.97 9.54
N SER D 42 -41.11 1.20 10.66
CA SER D 42 -41.00 2.49 11.33
C SER D 42 -39.79 2.58 12.26
N ALA D 43 -39.13 3.73 12.24
CA ALA D 43 -38.03 4.04 13.15
C ALA D 43 -38.39 3.92 14.64
N PRO D 44 -39.56 4.45 15.04
CA PRO D 44 -39.95 4.32 16.44
C PRO D 44 -40.30 2.89 16.83
N TYR D 45 -40.87 2.14 15.90
CA TYR D 45 -41.12 0.72 16.16
C TYR D 45 -39.78 -0.02 16.41
N LEU D 46 -38.81 0.22 15.54
CA LEU D 46 -37.49 -0.40 15.71
C LEU D 46 -36.86 -0.04 17.08
N SER D 47 -37.07 1.20 17.54
CA SER D 47 -36.55 1.60 18.85
C SER D 47 -37.25 0.91 20.01
N GLN D 48 -38.54 0.65 19.85
CA GLN D 48 -39.28 -0.08 20.87
C GLN D 48 -38.76 -1.51 20.99
N LEU D 49 -38.55 -2.16 19.84
CA LEU D 49 -38.02 -3.52 19.83
C LEU D 49 -36.65 -3.59 20.48
N ARG D 50 -35.84 -2.57 20.23
CA ARG D 50 -34.49 -2.52 20.78
C ARG D 50 -34.48 -2.26 22.28
N SER D 51 -35.46 -1.52 22.77
CA SER D 51 -35.53 -1.17 24.17
C SER D 51 -36.44 -2.05 25.02
N GLY D 52 -37.20 -2.94 24.38
CA GLY D 52 -38.06 -3.82 25.14
C GLY D 52 -39.39 -3.17 25.50
N ASN D 53 -39.69 -2.04 24.87
CA ASN D 53 -41.03 -1.46 24.92
C ASN D 53 -42.10 -2.15 24.01
N ARG D 54 -41.67 -2.86 22.97
CA ARG D 54 -42.51 -3.88 22.32
C ARG D 54 -41.71 -5.16 22.14
N THR D 55 -42.38 -6.29 22.27
CA THR D 55 -41.74 -7.58 22.09
C THR D 55 -42.61 -8.36 21.11
N ASN D 56 -42.31 -9.64 20.94
CA ASN D 56 -43.07 -10.53 20.07
C ASN D 56 -43.21 -9.89 18.70
N PRO D 57 -42.09 -9.56 18.06
CA PRO D 57 -42.11 -9.07 16.69
C PRO D 57 -42.62 -10.20 15.80
N SER D 58 -43.31 -9.88 14.71
CA SER D 58 -43.75 -10.92 13.79
C SER D 58 -42.58 -11.58 13.05
N GLY D 59 -42.84 -12.76 12.49
CA GLY D 59 -41.89 -13.48 11.64
C GLY D 59 -41.33 -12.58 10.54
N ALA D 60 -42.21 -11.80 9.90
CA ALA D 60 -41.75 -10.97 8.78
C ALA D 60 -40.79 -9.90 9.29
N THR D 61 -41.20 -9.21 10.34
CA THR D 61 -40.31 -8.30 11.06
C THR D 61 -38.96 -8.94 11.41
N MET D 62 -38.96 -10.11 12.05
CA MET D 62 -37.70 -10.78 12.39
C MET D 62 -36.86 -11.14 11.16
N ALA D 63 -37.52 -11.66 10.13
CA ALA D 63 -36.83 -12.08 8.91
C ALA D 63 -36.21 -10.84 8.24
N ALA D 64 -36.94 -9.74 8.20
CA ALA D 64 -36.39 -8.49 7.65
C ALA D 64 -35.15 -7.96 8.38
N LEU D 65 -35.08 -8.14 9.71
CA LEU D 65 -33.92 -7.66 10.46
C LEU D 65 -32.73 -8.59 10.25
N ALA D 66 -33.00 -9.88 10.33
CA ALA D 66 -32.04 -10.92 10.06
C ALA D 66 -31.39 -10.69 8.71
N ASN D 67 -32.22 -10.50 7.71
CA ASN D 67 -31.74 -10.30 6.36
C ASN D 67 -30.91 -9.02 6.22
N PHE D 68 -31.23 -7.97 6.95
CA PHE D 68 -30.30 -6.85 6.94
C PHE D 68 -28.89 -7.24 7.45
N PHE D 69 -28.82 -7.92 8.57
CA PHE D 69 -27.52 -8.34 9.09
C PHE D 69 -26.95 -9.52 8.29
N ARG D 70 -27.76 -10.04 7.37
CA ARG D 70 -27.36 -11.19 6.54
C ARG D 70 -27.05 -12.40 7.40
N ILE D 71 -27.88 -12.63 8.40
CA ILE D 71 -27.82 -13.86 9.17
C ILE D 71 -29.21 -14.49 9.11
N LYS D 72 -29.30 -15.76 9.46
CA LYS D 72 -30.59 -16.46 9.51
C LYS D 72 -31.49 -16.00 10.67
N ALA D 73 -32.75 -15.78 10.37
CA ALA D 73 -33.72 -15.40 11.38
C ALA D 73 -33.92 -16.44 12.47
N ALA D 74 -33.46 -17.66 12.24
CA ALA D 74 -33.47 -18.70 13.26
C ALA D 74 -32.58 -18.33 14.48
N TYR D 75 -31.65 -17.42 14.26
CA TYR D 75 -30.91 -16.83 15.36
C TYR D 75 -31.84 -16.35 16.48
N PHE D 76 -33.02 -15.85 16.11
CA PHE D 76 -33.98 -15.29 17.09
C PHE D 76 -34.91 -16.32 17.74
N THR D 77 -35.07 -17.49 17.14
CA THR D 77 -36.12 -18.44 17.54
C THR D 77 -35.68 -19.89 17.73
N ASP D 78 -34.39 -20.15 17.69
CA ASP D 78 -33.90 -21.52 17.75
C ASP D 78 -32.66 -21.52 18.64
N ASP D 79 -32.82 -21.99 19.87
CA ASP D 79 -31.75 -21.90 20.85
C ASP D 79 -30.47 -22.60 20.38
N GLU D 80 -30.63 -23.70 19.67
CA GLU D 80 -29.50 -24.40 19.12
C GLU D 80 -28.72 -23.46 18.20
N TYR D 81 -29.38 -22.99 17.15
CA TYR D 81 -28.72 -22.13 16.17
C TYR D 81 -28.22 -20.81 16.77
N TYR D 82 -28.96 -20.26 17.72
CA TYR D 82 -28.53 -19.02 18.36
C TYR D 82 -27.18 -19.23 19.04
N GLU D 83 -27.02 -20.37 19.71
CA GLU D 83 -25.74 -20.76 20.31
C GLU D 83 -24.61 -20.85 19.29
N LYS D 84 -24.80 -21.66 18.25
CA LYS D 84 -23.80 -21.79 17.20
C LYS D 84 -23.29 -20.41 16.76
N LEU D 85 -24.22 -19.50 16.44
CA LEU D 85 -23.85 -18.21 15.87
C LEU D 85 -23.33 -17.23 16.91
N ASP D 86 -23.88 -17.24 18.11
CA ASP D 86 -23.39 -16.31 19.13
C ASP D 86 -21.93 -16.64 19.49
N LYS D 87 -21.54 -17.90 19.41
CA LYS D 87 -20.14 -18.29 19.54
C LYS D 87 -19.29 -17.60 18.48
N GLU D 88 -19.75 -17.66 17.23
CA GLU D 88 -19.04 -17.05 16.13
C GLU D 88 -18.93 -15.53 16.33
N LEU D 89 -20.02 -14.90 16.78
CA LEU D 89 -20.02 -13.47 17.09
C LEU D 89 -19.08 -13.16 18.25
N GLN D 90 -18.99 -14.08 19.19
CA GLN D 90 -18.12 -13.91 20.34
C GLN D 90 -16.66 -13.96 19.91
N TRP D 91 -16.36 -14.71 18.85
CA TRP D 91 -15.00 -14.73 18.32
C TRP D 91 -14.64 -13.33 17.89
N LEU D 92 -15.60 -12.66 17.29
CA LEU D 92 -15.43 -11.28 16.89
C LEU D 92 -15.05 -10.41 18.09
N CYS D 93 -15.62 -10.69 19.26
CA CYS D 93 -15.34 -9.87 20.45
C CYS D 93 -14.01 -10.21 21.10
N THR D 94 -13.74 -11.50 21.26
CA THR D 94 -12.48 -11.96 21.84
C THR D 94 -11.30 -11.46 21.02
N MET D 95 -11.41 -11.55 19.70
CA MET D 95 -10.34 -11.11 18.81
C MET D 95 -10.13 -9.60 18.86
N ARG D 96 -11.22 -8.86 19.07
CA ARG D 96 -11.14 -7.40 19.09
C ARG D 96 -10.40 -6.78 20.29
N ASP D 97 -10.03 -7.59 21.27
CA ASP D 97 -9.29 -7.11 22.45
C ASP D 97 -7.95 -6.45 22.07
N ASP D 98 -7.61 -5.40 22.80
CA ASP D 98 -6.44 -4.57 22.46
C ASP D 98 -5.10 -5.31 22.50
N GLY D 99 -4.86 -6.06 23.57
CA GLY D 99 -3.59 -6.76 23.74
C GLY D 99 -3.44 -7.93 22.78
N VAL D 100 -4.57 -8.51 22.41
CA VAL D 100 -4.57 -9.71 21.60
C VAL D 100 -4.36 -9.44 20.10
N ARG D 101 -4.76 -8.27 19.62
CA ARG D 101 -4.73 -8.00 18.18
C ARG D 101 -3.32 -7.98 17.62
N ARG D 102 -2.40 -7.41 18.37
CA ARG D 102 -1.00 -7.41 17.95
C ARG D 102 -0.48 -8.86 17.77
N ILE D 103 -0.72 -9.71 18.77
CA ILE D 103 -0.25 -11.09 18.76
C ILE D 103 -0.84 -11.90 17.61
N ALA D 104 -2.14 -11.71 17.37
CA ALA D 104 -2.84 -12.42 16.29
C ALA D 104 -2.25 -12.05 14.95
N GLN D 105 -2.17 -10.75 14.69
CA GLN D 105 -1.66 -10.24 13.42
C GLN D 105 -0.30 -10.84 13.06
N ARG D 106 0.51 -11.11 14.06
CA ARG D 106 1.88 -11.54 13.83
C ARG D 106 2.03 -13.06 13.71
N ALA D 107 1.16 -13.79 14.38
CA ALA D 107 1.22 -15.26 14.37
C ALA D 107 0.62 -15.80 13.09
N HIS D 108 -0.34 -15.05 12.56
CA HIS D 108 -0.93 -15.37 11.28
C HIS D 108 0.20 -15.35 10.25
N GLY D 109 0.37 -16.46 9.56
CA GLY D 109 1.43 -16.54 8.58
C GLY D 109 2.55 -17.47 8.96
N LEU D 110 2.54 -17.93 10.21
CA LEU D 110 3.47 -18.96 10.65
C LEU D 110 2.95 -20.33 10.25
N PRO D 111 3.85 -21.28 9.98
CA PRO D 111 3.45 -22.66 9.71
C PRO D 111 2.99 -23.36 10.99
N SER D 112 2.22 -24.43 10.84
CA SER D 112 1.59 -25.11 11.97
C SER D 112 2.57 -25.47 13.09
N ALA D 113 3.76 -25.94 12.72
CA ALA D 113 4.75 -26.36 13.72
C ALA D 113 5.17 -25.18 14.62
N ALA D 114 5.40 -24.04 13.98
CA ALA D 114 5.74 -22.80 14.67
C ALA D 114 4.59 -22.29 15.54
N GLN D 115 3.37 -22.47 15.07
CA GLN D 115 2.20 -22.10 15.85
C GLN D 115 2.08 -22.91 17.14
N GLN D 116 2.38 -24.20 17.04
CA GLN D 116 2.39 -25.04 18.22
C GLN D 116 3.33 -24.47 19.27
N LYS D 117 4.54 -24.09 18.85
CA LYS D 117 5.54 -23.60 19.78
C LYS D 117 5.16 -22.25 20.41
N VAL D 118 4.32 -21.47 19.72
CA VAL D 118 3.74 -20.27 20.31
C VAL D 118 2.73 -20.63 21.42
N LEU D 119 1.96 -21.68 21.19
CA LEU D 119 1.03 -22.21 22.20
C LEU D 119 1.76 -22.77 23.43
N ASP D 120 2.89 -23.44 23.22
CA ASP D 120 3.67 -23.98 24.32
C ASP D 120 4.13 -22.85 25.20
N ARG D 121 4.58 -21.78 24.54
CA ARG D 121 5.03 -20.57 25.21
C ARG D 121 3.90 -19.88 25.99
N ILE D 122 2.72 -19.80 25.39
CA ILE D 122 1.57 -19.21 26.05
C ILE D 122 1.23 -19.98 27.33
N ASP D 123 1.28 -21.31 27.27
CA ASP D 123 1.03 -22.16 28.42
C ASP D 123 1.98 -21.91 29.57
N GLU D 124 3.24 -21.67 29.25
CA GLU D 124 4.24 -21.33 30.26
C GLU D 124 3.93 -20.01 30.95
N LEU D 125 3.57 -19.00 30.18
CA LEU D 125 3.24 -17.72 30.78
C LEU D 125 2.00 -17.83 31.69
N ARG D 126 1.01 -18.60 31.25
CA ARG D 126 -0.23 -18.79 32.04
C ARG D 126 0.05 -19.56 33.31
N ARG D 127 0.92 -20.56 33.22
CA ARG D 127 1.30 -21.35 34.39
C ARG D 127 2.10 -20.50 35.37
N ALA D 128 2.85 -19.55 34.84
CA ALA D 128 3.68 -18.69 35.68
C ALA D 128 2.93 -17.49 36.25
N GLU D 129 1.68 -17.31 35.85
CA GLU D 129 0.85 -16.24 36.40
C GLU D 129 -0.17 -16.78 37.42
N GLY D 130 -0.44 -18.08 37.33
CA GLY D 130 -1.42 -18.71 38.21
C GLY D 130 -2.74 -19.02 37.53
N ILE D 131 -2.74 -18.96 36.20
CA ILE D 131 -3.95 -19.22 35.42
C ILE D 131 -4.09 -20.70 35.09
N SER E 3 -25.20 14.85 -0.37
CA SER E 3 -26.04 14.84 -1.56
C SER E 3 -25.61 15.91 -2.58
N THR E 4 -24.63 16.71 -2.18
CA THR E 4 -24.06 17.74 -3.06
C THR E 4 -23.53 17.15 -4.38
N THR E 5 -23.91 17.74 -5.50
CA THR E 5 -23.56 17.19 -6.81
C THR E 5 -22.06 17.26 -7.08
N PHE E 6 -21.61 16.52 -8.09
CA PHE E 6 -20.22 16.59 -8.45
C PHE E 6 -19.84 17.97 -8.99
N ALA E 7 -20.76 18.62 -9.67
CA ALA E 7 -20.54 19.94 -10.26
C ALA E 7 -20.42 21.05 -9.20
N ALA E 8 -21.24 20.98 -8.16
CA ALA E 8 -21.12 21.94 -7.07
C ALA E 8 -19.79 21.76 -6.35
N ARG E 9 -19.36 20.50 -6.19
CA ARG E 9 -18.15 20.21 -5.47
C ARG E 9 -16.94 20.70 -6.26
N LEU E 10 -17.01 20.53 -7.58
CA LEU E 10 -15.91 20.97 -8.43
C LEU E 10 -15.81 22.49 -8.45
N ASN E 11 -16.94 23.14 -8.67
CA ASN E 11 -17.00 24.60 -8.65
C ASN E 11 -16.55 25.21 -7.32
N ARG E 12 -16.81 24.49 -6.23
CA ARG E 12 -16.38 24.95 -4.93
C ARG E 12 -14.84 24.96 -4.85
N LEU E 13 -14.19 23.97 -5.45
CA LEU E 13 -12.73 23.94 -5.51
C LEU E 13 -12.19 25.12 -6.32
N PHE E 14 -12.77 25.39 -7.48
CA PHE E 14 -12.39 26.56 -8.25
C PHE E 14 -12.58 27.86 -7.50
N ASP E 15 -13.67 27.99 -6.75
CA ASP E 15 -14.00 29.26 -6.10
C ASP E 15 -13.22 29.50 -4.82
N THR E 16 -12.50 28.50 -4.32
CA THR E 16 -11.94 28.64 -3.00
C THR E 16 -10.50 28.17 -2.88
N VAL E 17 -10.05 27.34 -3.80
CA VAL E 17 -8.69 26.83 -3.69
C VAL E 17 -7.79 27.38 -4.78
N TYR E 18 -6.96 28.33 -4.41
CA TYR E 18 -6.05 28.99 -5.34
C TYR E 18 -4.85 29.60 -4.59
N PRO E 19 -3.76 29.89 -5.30
CA PRO E 19 -2.50 30.29 -4.64
C PRO E 19 -2.58 31.69 -4.08
N PRO E 20 -1.61 32.07 -3.23
CA PRO E 20 -1.68 33.44 -2.72
C PRO E 20 -1.21 34.50 -3.74
N GLY E 21 -1.56 35.75 -3.48
CA GLY E 21 -1.14 36.86 -4.32
C GLY E 21 -1.86 36.86 -5.66
N ARG E 22 -2.98 36.14 -5.74
CA ARG E 22 -3.77 36.09 -6.96
C ARG E 22 -5.15 35.53 -6.68
N GLY E 23 -5.92 35.31 -7.74
CA GLY E 23 -7.30 34.89 -7.62
C GLY E 23 -7.53 33.48 -8.12
N PRO E 24 -8.79 33.04 -8.08
CA PRO E 24 -9.20 31.70 -8.51
C PRO E 24 -8.58 31.25 -9.83
N HIS E 25 -8.25 29.96 -9.90
CA HIS E 25 -7.81 29.31 -11.13
C HIS E 25 -8.95 29.32 -12.14
N THR E 26 -8.60 29.40 -13.43
CA THR E 26 -9.62 29.32 -14.47
C THR E 26 -9.67 27.90 -15.01
N SER E 27 -10.77 27.53 -15.64
CA SER E 27 -10.83 26.24 -16.34
C SER E 27 -9.61 26.02 -17.24
N ALA E 28 -9.27 27.02 -18.05
CA ALA E 28 -8.10 26.91 -18.92
C ALA E 28 -6.85 26.50 -18.15
N GLU E 29 -6.57 27.17 -17.03
CA GLU E 29 -5.36 26.88 -16.28
C GLU E 29 -5.28 25.41 -15.92
N VAL E 30 -6.43 24.81 -15.64
CA VAL E 30 -6.47 23.40 -15.25
C VAL E 30 -6.15 22.46 -16.41
N ILE E 31 -6.70 22.77 -17.59
CA ILE E 31 -6.42 21.96 -18.78
C ILE E 31 -4.92 22.01 -19.10
N ALA E 32 -4.43 23.22 -19.33
CA ALA E 32 -3.00 23.44 -19.54
C ALA E 32 -2.14 22.67 -18.53
N ALA E 33 -2.49 22.79 -17.25
CA ALA E 33 -1.71 22.15 -16.19
C ALA E 33 -1.74 20.62 -16.26
N LEU E 34 -2.93 20.06 -16.45
CA LEU E 34 -3.08 18.63 -16.65
C LEU E 34 -2.32 18.20 -17.90
N LYS E 35 -2.70 18.72 -19.06
CA LYS E 35 -2.16 18.10 -20.24
C LYS E 35 -0.66 18.18 -20.11
N ALA E 36 -0.13 19.35 -19.78
CA ALA E 36 1.31 19.51 -19.75
C ALA E 36 1.92 18.48 -18.81
N GLU E 37 1.24 18.22 -17.71
CA GLU E 37 1.70 17.22 -16.75
C GLU E 37 1.76 15.78 -17.29
N GLY E 38 0.76 15.39 -18.10
CA GLY E 38 0.66 14.01 -18.54
C GLY E 38 -0.76 13.66 -18.92
N ILE E 39 -1.70 14.45 -18.40
CA ILE E 39 -3.13 14.14 -18.48
C ILE E 39 -3.87 14.92 -19.57
N THR E 40 -4.74 14.23 -20.30
CA THR E 40 -5.46 14.82 -21.42
C THR E 40 -6.95 14.94 -21.15
N MET E 41 -7.52 16.09 -21.48
CA MET E 41 -8.93 16.37 -21.21
C MET E 41 -9.38 17.61 -21.97
N SER E 42 -10.54 17.56 -22.59
CA SER E 42 -10.99 18.67 -23.41
C SER E 42 -11.60 19.80 -22.59
N ALA E 43 -11.59 21.00 -23.16
CA ALA E 43 -12.22 22.16 -22.54
C ALA E 43 -13.73 21.99 -22.48
N PRO E 44 -14.31 21.40 -23.53
CA PRO E 44 -15.74 21.10 -23.50
C PRO E 44 -16.13 20.20 -22.31
N TYR E 45 -15.44 19.07 -22.14
CA TYR E 45 -15.78 18.13 -21.08
C TYR E 45 -15.71 18.75 -19.67
N LEU E 46 -14.60 19.40 -19.36
CA LEU E 46 -14.48 20.11 -18.09
C LEU E 46 -15.59 21.18 -17.93
N SER E 47 -15.90 21.89 -19.02
CA SER E 47 -16.96 22.87 -18.99
C SER E 47 -18.31 22.19 -18.71
N GLN E 48 -18.49 21.00 -19.27
CA GLN E 48 -19.70 20.21 -19.06
C GLN E 48 -19.84 19.69 -17.63
N LEU E 49 -18.74 19.30 -17.01
CA LEU E 49 -18.80 18.80 -15.64
C LEU E 49 -19.15 19.93 -14.66
N ARG E 50 -18.67 21.14 -14.95
CA ARG E 50 -18.95 22.30 -14.09
C ARG E 50 -20.39 22.77 -14.24
N SER E 51 -21.00 22.51 -15.40
CA SER E 51 -22.34 23.03 -15.65
C SER E 51 -23.41 22.06 -15.17
N GLY E 52 -23.00 20.82 -14.92
CA GLY E 52 -23.96 19.76 -14.61
C GLY E 52 -24.47 19.04 -15.85
N ASN E 53 -24.09 19.52 -17.03
CA ASN E 53 -24.47 18.86 -18.28
C ASN E 53 -23.96 17.42 -18.39
N ARG E 54 -22.72 17.21 -18.00
CA ARG E 54 -22.14 15.88 -18.00
C ARG E 54 -21.91 15.51 -16.55
N THR E 55 -22.39 14.36 -16.14
CA THR E 55 -22.27 13.88 -14.79
C THR E 55 -21.45 12.65 -14.77
N ASN E 56 -21.35 12.04 -13.60
CA ASN E 56 -20.78 10.72 -13.46
C ASN E 56 -19.45 10.47 -14.12
N PRO E 57 -18.48 11.29 -13.79
CA PRO E 57 -17.10 11.19 -14.29
C PRO E 57 -16.38 9.95 -13.79
N SER E 58 -15.42 9.49 -14.57
CA SER E 58 -14.63 8.31 -14.23
C SER E 58 -13.74 8.61 -13.04
N GLY E 59 -13.32 7.56 -12.34
CA GLY E 59 -12.51 7.70 -11.15
C GLY E 59 -11.21 8.41 -11.48
N ALA E 60 -10.67 8.11 -12.66
CA ALA E 60 -9.43 8.74 -13.09
C ALA E 60 -9.58 10.25 -13.21
N THR E 61 -10.72 10.70 -13.72
CA THR E 61 -10.96 12.14 -13.85
C THR E 61 -11.12 12.78 -12.47
N MET E 62 -11.92 12.16 -11.61
CA MET E 62 -11.99 12.58 -10.22
C MET E 62 -10.58 12.62 -9.62
N ALA E 63 -9.70 11.72 -10.03
CA ALA E 63 -8.33 11.73 -9.54
C ALA E 63 -7.47 12.90 -10.07
N ALA E 64 -7.49 13.12 -11.38
CA ALA E 64 -6.71 14.21 -11.97
C ALA E 64 -7.10 15.58 -11.41
N LEU E 65 -8.40 15.80 -11.25
CA LEU E 65 -8.88 17.08 -10.75
C LEU E 65 -8.47 17.27 -9.29
N ALA E 66 -8.80 16.30 -8.46
CA ALA E 66 -8.42 16.34 -7.04
C ALA E 66 -6.93 16.63 -6.89
N ASN E 67 -6.10 16.01 -7.74
CA ASN E 67 -4.65 16.21 -7.71
C ASN E 67 -4.21 17.62 -8.06
N PHE E 68 -4.86 18.25 -9.03
CA PHE E 68 -4.51 19.62 -9.39
C PHE E 68 -4.72 20.62 -8.24
N PHE E 69 -5.83 20.49 -7.52
CA PHE E 69 -6.11 21.38 -6.40
C PHE E 69 -5.38 20.89 -5.15
N ARG E 70 -4.81 19.69 -5.26
CA ARG E 70 -4.03 19.07 -4.18
C ARG E 70 -4.84 18.57 -2.96
N ILE E 71 -6.08 18.19 -3.23
CA ILE E 71 -6.98 17.72 -2.19
C ILE E 71 -7.33 16.26 -2.46
N LYS E 72 -7.64 15.51 -1.40
CA LYS E 72 -7.89 14.07 -1.54
C LYS E 72 -9.13 13.78 -2.39
N ALA E 73 -9.03 12.74 -3.22
CA ALA E 73 -10.13 12.26 -4.06
C ALA E 73 -11.41 11.98 -3.26
N ALA E 74 -11.24 11.52 -2.03
CA ALA E 74 -12.35 11.23 -1.13
C ALA E 74 -13.34 12.37 -1.10
N TYR E 75 -12.84 13.59 -1.21
CA TYR E 75 -13.70 14.77 -1.33
C TYR E 75 -14.89 14.60 -2.29
N PHE E 76 -14.67 13.92 -3.42
CA PHE E 76 -15.72 13.78 -4.43
C PHE E 76 -16.66 12.60 -4.17
N THR E 77 -16.11 11.56 -3.57
CA THR E 77 -16.81 10.30 -3.40
C THR E 77 -17.27 9.99 -1.99
N ASP E 78 -16.32 9.99 -1.05
CA ASP E 78 -16.63 9.78 0.36
C ASP E 78 -17.15 11.11 0.91
N ASP E 79 -18.45 11.28 1.01
CA ASP E 79 -19.03 12.58 1.27
C ASP E 79 -19.08 12.76 2.80
N GLU E 80 -18.62 11.76 3.52
CA GLU E 80 -18.35 11.90 4.94
C GLU E 80 -17.09 12.78 5.10
N TYR E 81 -16.10 12.51 4.26
CA TYR E 81 -14.90 13.32 4.19
C TYR E 81 -15.19 14.68 3.55
N TYR E 82 -16.12 14.72 2.60
CA TYR E 82 -16.57 15.97 2.00
C TYR E 82 -17.02 16.96 3.08
N GLU E 83 -17.90 16.52 3.96
CA GLU E 83 -18.37 17.37 5.05
C GLU E 83 -17.20 18.02 5.78
N LYS E 84 -16.15 17.23 6.04
CA LYS E 84 -15.00 17.69 6.79
C LYS E 84 -14.28 18.80 6.04
N LEU E 85 -13.87 18.49 4.80
CA LEU E 85 -13.11 19.43 3.99
C LEU E 85 -13.93 20.69 3.73
N ASP E 86 -15.21 20.50 3.44
CA ASP E 86 -16.01 21.62 2.97
C ASP E 86 -16.08 22.68 4.04
N LYS E 87 -16.00 22.26 5.30
CA LYS E 87 -15.96 23.22 6.41
C LYS E 87 -14.68 24.06 6.33
N GLU E 88 -13.57 23.40 6.03
CA GLU E 88 -12.31 24.11 5.87
C GLU E 88 -12.34 25.06 4.68
N LEU E 89 -13.00 24.64 3.60
CA LEU E 89 -13.16 25.51 2.45
C LEU E 89 -14.01 26.73 2.80
N GLN E 90 -14.97 26.56 3.70
CA GLN E 90 -15.80 27.69 4.07
C GLN E 90 -14.95 28.72 4.78
N TRP E 91 -14.00 28.27 5.60
CA TRP E 91 -13.06 29.19 6.25
C TRP E 91 -12.12 29.90 5.28
N LEU E 92 -11.53 29.16 4.34
CA LEU E 92 -10.76 29.77 3.25
C LEU E 92 -11.57 30.83 2.56
N CYS E 93 -12.74 30.44 2.05
CA CYS E 93 -13.62 31.37 1.37
C CYS E 93 -13.82 32.62 2.23
N THR E 94 -14.13 32.40 3.51
CA THR E 94 -14.41 33.52 4.41
C THR E 94 -13.18 34.40 4.61
N MET E 95 -12.04 33.79 4.92
CA MET E 95 -10.82 34.56 5.23
C MET E 95 -10.14 35.22 4.04
N ARG E 96 -10.50 34.83 2.82
CA ARG E 96 -9.84 35.39 1.65
C ARG E 96 -10.70 36.41 0.94
N ASP E 97 -11.96 36.51 1.35
CA ASP E 97 -12.88 37.55 0.89
C ASP E 97 -12.34 38.93 1.29
N ASP E 98 -12.26 39.84 0.32
CA ASP E 98 -11.56 41.10 0.53
C ASP E 98 -12.10 41.98 1.67
N GLY E 99 -13.38 42.35 1.59
CA GLY E 99 -14.02 43.18 2.60
C GLY E 99 -13.98 42.59 4.01
N VAL E 100 -14.18 41.28 4.09
CA VAL E 100 -14.16 40.61 5.38
C VAL E 100 -12.73 40.50 5.94
N ARG E 101 -11.75 40.41 5.04
CA ARG E 101 -10.35 40.43 5.41
C ARG E 101 -9.98 41.78 6.04
N ARG E 102 -10.37 42.85 5.37
CA ARG E 102 -10.11 44.21 5.83
C ARG E 102 -10.71 44.49 7.22
N ILE E 103 -11.97 44.12 7.40
CA ILE E 103 -12.65 44.13 8.69
C ILE E 103 -11.86 43.35 9.74
N ALA E 104 -11.60 42.08 9.46
CA ALA E 104 -10.93 41.23 10.45
C ALA E 104 -9.50 41.69 10.78
N GLN E 105 -8.80 42.20 9.77
CA GLN E 105 -7.39 42.60 9.94
C GLN E 105 -7.25 43.91 10.73
N ARG E 106 -8.16 44.86 10.49
CA ARG E 106 -8.12 46.14 11.16
C ARG E 106 -8.63 46.01 12.59
N ALA E 107 -9.56 45.06 12.79
CA ALA E 107 -10.07 44.79 14.12
C ALA E 107 -9.01 44.07 14.94
N HIS E 108 -8.17 43.31 14.25
CA HIS E 108 -7.06 42.57 14.85
C HIS E 108 -6.13 43.48 15.66
N GLY E 109 -5.90 44.69 15.18
CA GLY E 109 -5.00 45.61 15.86
C GLY E 109 -5.58 46.27 17.11
N LEU E 110 -6.79 45.89 17.48
CA LEU E 110 -7.46 46.40 18.68
C LEU E 110 -7.28 45.47 19.87
N PRO E 111 -7.28 46.03 21.09
CA PRO E 111 -7.29 45.19 22.30
C PRO E 111 -8.59 44.39 22.45
N SER E 112 -8.52 43.27 23.17
CA SER E 112 -9.64 42.36 23.38
C SER E 112 -10.97 43.03 23.68
N ALA E 113 -10.92 44.09 24.48
CA ALA E 113 -12.13 44.77 24.95
C ALA E 113 -12.83 45.53 23.83
N ALA E 114 -12.03 46.14 22.96
CA ALA E 114 -12.54 46.85 21.80
C ALA E 114 -13.01 45.87 20.73
N GLN E 115 -12.30 44.74 20.60
CA GLN E 115 -12.72 43.65 19.74
C GLN E 115 -14.09 43.14 20.15
N GLN E 116 -14.32 43.01 21.46
CA GLN E 116 -15.63 42.60 21.92
C GLN E 116 -16.70 43.58 21.43
N LYS E 117 -16.37 44.87 21.37
CA LYS E 117 -17.34 45.87 20.94
C LYS E 117 -17.64 45.76 19.45
N VAL E 118 -16.67 45.28 18.69
CA VAL E 118 -16.85 45.04 17.26
C VAL E 118 -17.85 43.90 17.04
N LEU E 119 -17.62 42.77 17.71
CA LEU E 119 -18.60 41.69 17.76
C LEU E 119 -20.00 42.16 18.13
N ASP E 120 -20.10 42.97 19.17
CA ASP E 120 -21.41 43.48 19.55
C ASP E 120 -22.10 44.26 18.43
N ARG E 121 -21.37 45.14 17.74
CA ARG E 121 -21.93 45.91 16.63
CA ARG E 121 -21.96 45.90 16.64
C ARG E 121 -22.38 44.97 15.51
N ILE E 122 -21.53 44.01 15.18
CA ILE E 122 -21.85 43.00 14.18
C ILE E 122 -23.12 42.24 14.55
N ASP E 123 -23.19 41.79 15.80
CA ASP E 123 -24.34 41.01 16.23
C ASP E 123 -25.64 41.82 16.17
N GLU E 124 -25.53 43.12 16.44
CA GLU E 124 -26.68 44.04 16.30
C GLU E 124 -27.09 44.25 14.84
N LEU E 125 -26.11 44.46 13.97
CA LEU E 125 -26.44 44.59 12.55
C LEU E 125 -27.05 43.28 12.00
N ARG E 126 -26.61 42.14 12.51
CA ARG E 126 -27.16 40.86 12.07
C ARG E 126 -28.62 40.73 12.50
N ARG E 127 -28.91 41.10 13.74
CA ARG E 127 -30.28 41.10 14.23
C ARG E 127 -31.17 42.02 13.38
N ALA E 128 -30.69 43.23 13.11
CA ALA E 128 -31.49 44.22 12.40
C ALA E 128 -31.70 43.83 10.95
N GLU E 129 -30.75 43.11 10.41
CA GLU E 129 -30.81 42.77 9.00
C GLU E 129 -31.45 41.42 8.73
N GLY E 130 -31.90 40.75 9.78
CA GLY E 130 -32.52 39.43 9.65
C GLY E 130 -31.59 38.24 9.46
N ILE E 131 -30.27 38.45 9.54
CA ILE E 131 -29.31 37.36 9.40
C ILE E 131 -29.45 36.40 10.56
N ASP E 132 -29.78 36.94 11.73
CA ASP E 132 -30.03 36.13 12.90
C ASP E 132 -31.48 36.27 13.34
N ALA E 133 -32.10 35.14 13.69
CA ALA E 133 -33.44 35.11 14.28
C ALA E 133 -34.48 35.70 13.36
N SER F 3 17.80 41.83 2.56
CA SER F 3 16.93 41.94 3.73
C SER F 3 16.71 40.59 4.42
N THR F 4 16.12 39.63 3.70
CA THR F 4 15.90 38.28 4.22
C THR F 4 16.55 37.19 3.33
N THR F 5 17.24 36.24 3.97
CA THR F 5 17.91 35.16 3.25
C THR F 5 17.02 34.30 2.37
N PHE F 6 17.62 33.66 1.39
CA PHE F 6 16.92 32.68 0.58
C PHE F 6 16.27 31.55 1.42
N ALA F 7 17.04 30.95 2.34
CA ALA F 7 16.54 29.90 3.23
C ALA F 7 15.30 30.32 3.98
N ALA F 8 15.30 31.55 4.47
CA ALA F 8 14.14 32.06 5.20
C ALA F 8 12.93 32.23 4.28
N ARG F 9 13.17 32.72 3.07
CA ARG F 9 12.07 32.86 2.13
C ARG F 9 11.52 31.49 1.70
N LEU F 10 12.39 30.54 1.40
CA LEU F 10 11.96 29.18 1.09
C LEU F 10 11.15 28.54 2.24
N ASN F 11 11.69 28.55 3.45
CA ASN F 11 10.97 27.99 4.60
C ASN F 11 9.65 28.71 4.88
N ARG F 12 9.62 30.01 4.65
CA ARG F 12 8.41 30.79 4.80
C ARG F 12 7.34 30.22 3.85
N LEU F 13 7.75 29.79 2.65
CA LEU F 13 6.80 29.17 1.72
C LEU F 13 6.36 27.84 2.30
N PHE F 14 7.31 27.03 2.77
CA PHE F 14 6.96 25.73 3.37
C PHE F 14 6.01 25.90 4.54
N ASP F 15 6.25 26.90 5.38
CA ASP F 15 5.41 27.10 6.55
C ASP F 15 4.01 27.67 6.26
N THR F 16 3.83 28.41 5.18
CA THR F 16 2.56 29.11 5.00
C THR F 16 1.72 28.72 3.80
N VAL F 17 2.30 28.01 2.84
CA VAL F 17 1.61 27.72 1.59
C VAL F 17 1.40 26.23 1.40
N TYR F 18 0.16 25.77 1.60
CA TYR F 18 -0.15 24.37 1.45
C TYR F 18 -1.67 24.13 1.37
N PRO F 19 -2.09 22.95 0.89
CA PRO F 19 -3.50 22.73 0.57
C PRO F 19 -4.36 22.59 1.82
N PRO F 20 -5.69 22.67 1.64
CA PRO F 20 -6.63 22.44 2.75
C PRO F 20 -6.73 20.95 3.11
N GLY F 21 -7.07 20.67 4.37
CA GLY F 21 -7.29 19.30 4.84
C GLY F 21 -6.01 18.55 5.21
N ARG F 22 -4.88 19.24 5.13
CA ARG F 22 -3.57 18.65 5.38
C ARG F 22 -2.59 19.67 5.94
N GLY F 23 -1.36 19.23 6.18
CA GLY F 23 -0.33 20.13 6.65
C GLY F 23 0.64 20.51 5.53
N PRO F 24 1.69 21.27 5.89
CA PRO F 24 2.78 21.73 5.03
C PRO F 24 3.37 20.64 4.16
N HIS F 25 3.79 21.04 2.97
CA HIS F 25 4.49 20.12 2.10
C HIS F 25 5.82 19.70 2.72
N THR F 26 6.27 18.50 2.37
CA THR F 26 7.58 18.04 2.76
C THR F 26 8.56 18.32 1.63
N SER F 27 9.85 18.29 1.93
CA SER F 27 10.87 18.38 0.91
C SER F 27 10.69 17.26 -0.10
N ALA F 28 10.41 16.06 0.40
CA ALA F 28 10.18 14.90 -0.45
C ALA F 28 9.16 15.17 -1.56
N GLU F 29 8.06 15.83 -1.21
CA GLU F 29 7.04 16.13 -2.21
C GLU F 29 7.57 17.07 -3.25
N VAL F 30 8.29 18.09 -2.80
CA VAL F 30 8.80 19.10 -3.72
C VAL F 30 9.68 18.40 -4.73
N ILE F 31 10.63 17.62 -4.23
CA ILE F 31 11.51 16.84 -5.09
C ILE F 31 10.71 15.89 -5.96
N ALA F 32 9.76 15.18 -5.36
CA ALA F 32 8.91 14.27 -6.10
C ALA F 32 8.23 14.97 -7.25
N ALA F 33 7.58 16.10 -6.95
CA ALA F 33 6.79 16.84 -7.93
C ALA F 33 7.68 17.45 -9.01
N LEU F 34 8.92 17.73 -8.63
CA LEU F 34 9.91 18.27 -9.56
C LEU F 34 10.42 17.18 -10.48
N LYS F 35 10.86 16.08 -9.89
CA LYS F 35 11.28 14.91 -10.65
C LYS F 35 10.22 14.56 -11.69
N ALA F 36 8.95 14.59 -11.27
CA ALA F 36 7.84 14.21 -12.13
C ALA F 36 7.48 15.30 -13.14
N GLU F 37 8.39 16.25 -13.34
CA GLU F 37 8.19 17.32 -14.29
C GLU F 37 9.47 17.51 -15.10
N GLY F 38 10.38 16.55 -14.94
CA GLY F 38 11.62 16.53 -15.69
C GLY F 38 12.71 17.35 -15.02
N ILE F 39 12.56 17.55 -13.71
CA ILE F 39 13.49 18.40 -12.99
C ILE F 39 14.17 17.65 -11.85
N THR F 40 15.39 17.22 -12.08
CA THR F 40 16.16 16.57 -11.05
C THR F 40 16.66 17.60 -10.04
N MET F 41 16.05 17.64 -8.87
CA MET F 41 16.70 18.31 -7.75
C MET F 41 17.13 17.27 -6.73
N SER F 42 18.35 17.40 -6.23
CA SER F 42 18.85 16.49 -5.23
C SER F 42 18.13 16.76 -3.90
N ALA F 43 18.08 15.76 -3.02
CA ALA F 43 17.39 15.92 -1.74
C ALA F 43 18.28 16.56 -0.68
N PRO F 44 19.58 16.17 -0.67
CA PRO F 44 20.57 16.87 0.16
C PRO F 44 20.76 18.33 -0.27
N TYR F 45 20.52 18.64 -1.53
CA TYR F 45 20.68 20.01 -1.99
C TYR F 45 19.48 20.85 -1.54
N LEU F 46 18.28 20.34 -1.75
CA LEU F 46 17.11 21.04 -1.24
C LEU F 46 17.27 21.25 0.26
N SER F 47 17.80 20.24 0.94
CA SER F 47 18.03 20.34 2.38
C SER F 47 19.08 21.40 2.67
N GLN F 48 20.16 21.37 1.91
CA GLN F 48 21.20 22.39 2.02
C GLN F 48 20.66 23.80 1.83
N LEU F 49 19.81 23.98 0.83
CA LEU F 49 19.13 25.27 0.60
C LEU F 49 18.25 25.72 1.78
N ARG F 50 17.51 24.79 2.36
CA ARG F 50 16.66 25.12 3.50
C ARG F 50 17.44 25.42 4.75
N SER F 51 18.62 24.80 4.89
CA SER F 51 19.40 24.94 6.11
C SER F 51 20.43 26.07 5.98
N GLY F 52 20.66 26.50 4.74
CA GLY F 52 21.60 27.57 4.46
C GLY F 52 23.03 27.10 4.29
N ASN F 53 23.23 25.79 4.10
CA ASN F 53 24.57 25.24 3.83
C ASN F 53 25.02 25.47 2.38
N ARG F 54 24.06 25.67 1.49
CA ARG F 54 24.32 26.33 0.20
C ARG F 54 23.36 27.51 0.10
N THR F 55 23.81 28.57 -0.59
CA THR F 55 22.96 29.72 -0.89
C THR F 55 23.14 30.02 -2.36
N ASN F 56 22.80 31.24 -2.77
CA ASN F 56 22.79 31.61 -4.19
C ASN F 56 22.28 30.59 -5.20
N PRO F 57 21.08 30.05 -4.97
CA PRO F 57 20.57 29.05 -5.91
C PRO F 57 20.49 29.66 -7.30
N SER F 58 20.51 28.82 -8.34
CA SER F 58 20.41 29.34 -9.72
C SER F 58 18.99 29.84 -10.04
N GLY F 59 18.88 30.68 -11.08
CA GLY F 59 17.60 31.23 -11.48
C GLY F 59 16.60 30.18 -11.93
N ALA F 60 17.13 29.04 -12.37
CA ALA F 60 16.35 27.89 -12.75
C ALA F 60 15.84 27.20 -11.50
N THR F 61 16.71 27.08 -10.51
CA THR F 61 16.31 26.46 -9.24
C THR F 61 15.18 27.24 -8.55
N MET F 62 15.34 28.55 -8.45
CA MET F 62 14.30 29.43 -7.90
C MET F 62 12.96 29.32 -8.67
N ALA F 63 13.06 29.17 -9.99
CA ALA F 63 11.87 29.07 -10.82
C ALA F 63 11.11 27.78 -10.57
N ALA F 64 11.83 26.66 -10.50
CA ALA F 64 11.23 25.37 -10.21
C ALA F 64 10.47 25.37 -8.88
N LEU F 65 11.09 25.92 -7.84
CA LEU F 65 10.48 25.91 -6.50
C LEU F 65 9.28 26.86 -6.42
N ALA F 66 9.46 28.06 -6.95
CA ALA F 66 8.38 29.01 -7.09
C ALA F 66 7.19 28.40 -7.84
N ASN F 67 7.47 27.57 -8.83
CA ASN F 67 6.38 27.00 -9.60
C ASN F 67 5.66 25.95 -8.80
N PHE F 68 6.41 25.25 -7.97
CA PHE F 68 5.79 24.22 -7.16
C PHE F 68 4.78 24.90 -6.24
N PHE F 69 5.20 25.95 -5.57
CA PHE F 69 4.33 26.67 -4.66
C PHE F 69 3.38 27.61 -5.39
N ARG F 70 3.52 27.70 -6.71
CA ARG F 70 2.65 28.53 -7.53
C ARG F 70 2.71 30.00 -7.16
N ILE F 71 3.91 30.51 -6.91
CA ILE F 71 4.11 31.94 -6.67
C ILE F 71 5.13 32.46 -7.68
N LYS F 72 5.19 33.77 -7.85
CA LYS F 72 6.19 34.35 -8.75
C LYS F 72 7.60 34.23 -8.18
N ALA F 73 8.54 33.74 -8.99
CA ALA F 73 9.91 33.61 -8.55
C ALA F 73 10.51 34.96 -8.16
N ALA F 74 9.87 36.04 -8.59
CA ALA F 74 10.28 37.39 -8.18
C ALA F 74 10.28 37.54 -6.66
N TYR F 75 9.54 36.69 -5.97
CA TYR F 75 9.50 36.67 -4.51
C TYR F 75 10.90 36.44 -3.91
N PHE F 76 11.70 35.66 -4.60
CA PHE F 76 13.07 35.36 -4.20
C PHE F 76 14.06 36.47 -4.55
N THR F 77 13.74 37.29 -5.55
CA THR F 77 14.74 38.18 -6.12
C THR F 77 14.38 39.65 -6.10
N ASP F 78 13.14 39.98 -5.78
CA ASP F 78 12.71 41.38 -5.81
C ASP F 78 12.20 41.86 -4.44
N ASP F 79 13.08 42.57 -3.73
CA ASP F 79 12.76 43.14 -2.42
C ASP F 79 11.31 43.62 -2.31
N GLU F 80 10.90 44.52 -3.20
CA GLU F 80 9.56 45.10 -3.17
C GLU F 80 8.46 44.06 -3.36
N TYR F 81 8.56 43.24 -4.41
CA TYR F 81 7.58 42.17 -4.56
C TYR F 81 7.59 41.26 -3.32
N TYR F 82 8.77 40.99 -2.79
CA TYR F 82 8.88 40.14 -1.60
C TYR F 82 7.97 40.64 -0.49
N GLU F 83 8.05 41.91 -0.15
CA GLU F 83 7.25 42.47 0.94
C GLU F 83 5.76 42.29 0.66
N LYS F 84 5.35 42.69 -0.54
CA LYS F 84 3.94 42.63 -0.94
C LYS F 84 3.35 41.23 -0.77
N LEU F 85 4.02 40.23 -1.36
CA LEU F 85 3.55 38.85 -1.22
C LEU F 85 3.68 38.38 0.21
N ASP F 86 4.69 38.86 0.91
CA ASP F 86 4.90 38.42 2.28
C ASP F 86 3.78 38.88 3.20
N LYS F 87 3.14 39.99 2.84
CA LYS F 87 1.92 40.45 3.50
C LYS F 87 0.80 39.42 3.39
N GLU F 88 0.55 38.97 2.16
CA GLU F 88 -0.40 37.91 1.90
C GLU F 88 -0.09 36.69 2.75
N LEU F 89 1.13 36.20 2.64
CA LEU F 89 1.55 35.02 3.37
C LEU F 89 1.33 35.18 4.87
N GLN F 90 1.60 36.39 5.37
CA GLN F 90 1.36 36.70 6.77
C GLN F 90 -0.13 36.67 7.14
N TRP F 91 -1.00 37.16 6.26
CA TRP F 91 -2.43 37.03 6.51
C TRP F 91 -2.85 35.56 6.60
N LEU F 92 -2.28 34.70 5.75
CA LEU F 92 -2.58 33.27 5.82
C LEU F 92 -2.27 32.68 7.18
N CYS F 93 -1.36 33.34 7.90
CA CYS F 93 -0.93 32.88 9.22
C CYS F 93 -1.86 33.47 10.28
N THR F 94 -2.04 34.78 10.22
CA THR F 94 -2.95 35.51 11.09
C THR F 94 -4.38 34.93 11.08
N MET F 95 -4.90 34.69 9.87
CA MET F 95 -6.26 34.21 9.69
C MET F 95 -6.53 32.85 10.34
N ARG F 96 -5.52 32.24 10.94
CA ARG F 96 -5.68 30.95 11.61
C ARG F 96 -6.02 31.11 13.09
N ASP F 97 -5.94 32.35 13.57
CA ASP F 97 -6.31 32.67 14.94
C ASP F 97 -7.82 32.60 15.18
N ASP F 98 -8.20 32.16 16.38
CA ASP F 98 -9.61 32.03 16.72
C ASP F 98 -10.35 33.36 16.79
N GLY F 99 -9.75 34.35 17.42
CA GLY F 99 -10.39 35.65 17.57
C GLY F 99 -10.73 36.29 16.24
N VAL F 100 -9.72 36.37 15.39
CA VAL F 100 -9.87 36.95 14.07
C VAL F 100 -10.93 36.19 13.30
N ARG F 101 -10.88 34.86 13.43
CA ARG F 101 -11.84 33.97 12.78
C ARG F 101 -13.28 34.34 13.15
N ARG F 102 -13.52 34.56 14.43
CA ARG F 102 -14.85 34.84 14.96
C ARG F 102 -15.44 36.13 14.39
N ILE F 103 -14.62 37.17 14.31
CA ILE F 103 -15.07 38.44 13.72
C ILE F 103 -15.37 38.30 12.22
N ALA F 104 -14.51 37.59 11.52
CA ALA F 104 -14.67 37.36 10.09
C ALA F 104 -15.95 36.60 9.80
N GLN F 105 -16.17 35.50 10.53
CA GLN F 105 -17.32 34.65 10.31
C GLN F 105 -18.67 35.35 10.62
N ARG F 106 -18.75 36.03 11.77
CA ARG F 106 -19.96 36.81 12.07
C ARG F 106 -20.20 37.91 11.01
N ALA F 107 -19.13 38.59 10.60
CA ALA F 107 -19.20 39.67 9.62
C ALA F 107 -19.56 39.20 8.19
N HIS F 108 -19.23 37.95 7.87
CA HIS F 108 -19.43 37.39 6.53
C HIS F 108 -20.92 37.25 6.19
N GLY F 109 -21.75 37.01 7.21
CA GLY F 109 -23.18 36.93 7.01
C GLY F 109 -23.90 38.23 6.62
N LEU F 110 -23.23 39.37 6.76
CA LEU F 110 -23.88 40.65 6.45
C LEU F 110 -23.85 41.02 4.98
N PRO F 111 -24.86 41.81 4.54
CA PRO F 111 -24.74 42.52 3.26
C PRO F 111 -23.55 43.51 3.27
N SER F 112 -23.12 43.91 2.09
CA SER F 112 -21.96 44.75 1.93
C SER F 112 -22.09 46.12 2.57
N ALA F 113 -23.28 46.73 2.48
CA ALA F 113 -23.48 48.01 3.12
C ALA F 113 -23.28 47.89 4.62
N ALA F 114 -23.87 46.86 5.22
CA ALA F 114 -23.75 46.64 6.66
C ALA F 114 -22.32 46.27 7.07
N GLN F 115 -21.62 45.54 6.22
CA GLN F 115 -20.20 45.28 6.47
C GLN F 115 -19.45 46.58 6.56
N GLN F 116 -19.81 47.54 5.71
CA GLN F 116 -19.17 48.86 5.73
C GLN F 116 -19.38 49.59 7.06
N LYS F 117 -20.54 49.40 7.68
CA LYS F 117 -20.79 50.01 8.98
C LYS F 117 -19.96 49.33 10.06
N VAL F 118 -19.73 48.03 9.90
CA VAL F 118 -18.89 47.30 10.85
C VAL F 118 -17.48 47.86 10.78
N LEU F 119 -17.03 48.10 9.56
CA LEU F 119 -15.76 48.76 9.31
C LEU F 119 -15.71 50.19 9.89
N ASP F 120 -16.81 50.94 9.73
CA ASP F 120 -16.87 52.31 10.23
C ASP F 120 -16.65 52.34 11.74
N ARG F 121 -17.31 51.42 12.43
CA ARG F 121 -17.20 51.25 13.88
C ARG F 121 -15.79 50.88 14.31
N ILE F 122 -15.15 49.99 13.55
CA ILE F 122 -13.77 49.58 13.84
C ILE F 122 -12.80 50.77 13.73
N ASP F 123 -12.99 51.61 12.73
CA ASP F 123 -12.13 52.78 12.55
C ASP F 123 -12.29 53.78 13.70
N GLU F 124 -13.51 53.96 14.18
CA GLU F 124 -13.69 54.86 15.31
C GLU F 124 -13.07 54.30 16.59
N LEU F 125 -13.15 52.97 16.79
CA LEU F 125 -12.48 52.36 17.95
C LEU F 125 -10.96 52.49 17.82
N ARG F 126 -10.47 52.37 16.60
CA ARG F 126 -9.04 52.52 16.36
CA ARG F 126 -9.04 52.54 16.31
C ARG F 126 -8.58 53.94 16.72
N ARG F 127 -9.36 54.94 16.33
CA ARG F 127 -9.06 56.32 16.67
C ARG F 127 -9.14 56.61 18.19
N ALA F 128 -10.07 55.95 18.86
CA ALA F 128 -10.24 56.11 20.30
C ALA F 128 -9.06 55.58 21.12
N GLU F 129 -8.11 54.99 20.41
CA GLU F 129 -6.96 54.31 21.00
C GLU F 129 -5.74 54.94 20.39
N GLY F 130 -5.97 56.03 19.64
CA GLY F 130 -4.91 56.75 18.98
C GLY F 130 -4.09 55.92 18.01
N ILE F 131 -4.70 54.87 17.48
CA ILE F 131 -4.06 53.97 16.51
C ILE F 131 -4.21 54.55 15.12
N ASP F 132 -5.21 55.41 14.96
CA ASP F 132 -5.57 55.99 13.66
C ASP F 132 -4.38 56.25 12.74
C1 LMR G . 18.74 -22.95 -8.31
O1A LMR G . 19.68 -22.35 -8.89
O1B LMR G . 18.57 -22.83 -7.07
C2 LMR G . 17.79 -23.81 -9.09
O2 LMR G . 18.46 -24.75 -9.88
C3 LMR G . 16.90 -24.55 -8.10
C4 LMR G . 15.62 -23.77 -7.99
O4A LMR G . 14.79 -23.81 -8.94
O4B LMR G . 15.39 -23.09 -6.95
C1 MLT H . -22.47 -8.63 7.09
O1 MLT H . -23.42 -7.87 7.44
O2 MLT H . -22.71 -9.84 6.92
C2 MLT H . -21.05 -8.17 6.89
O3 MLT H . -20.22 -8.67 7.92
C3 MLT H . -20.96 -6.65 6.79
C4 MLT H . -20.81 -6.24 5.34
O4 MLT H . -20.03 -5.31 5.03
O5 MLT H . -21.43 -6.81 4.41
C1 MLT I . -3.00 25.40 -2.84
O1 MLT I . -3.20 25.00 -4.01
O2 MLT I . -2.98 24.55 -1.92
C2 MLT I . -2.81 26.85 -2.51
O3 MLT I . -1.76 27.36 -3.32
C3 MLT I . -2.51 27.00 -1.01
C4 MLT I . -2.83 28.37 -0.41
O4 MLT I . -2.90 29.41 -1.11
O5 MLT I . -3.02 28.50 0.82
#